data_1BRW
#
_entry.id   1BRW
#
_cell.length_a   53.570
_cell.length_b   70.450
_cell.length_c   122.780
_cell.angle_alpha   90.00
_cell.angle_beta   98.02
_cell.angle_gamma   90.00
#
_symmetry.space_group_name_H-M   'P 1 21 1'
#
loop_
_entity.id
_entity.type
_entity.pdbx_description
1 polymer 'PROTEIN (PYRIMIDINE NUCLEOSIDE PHOSPHORYLASE)'
2 non-polymer 'PHOSPHATE ION'
3 non-polymer 'CALCIUM ION'
4 non-polymer '2-(N-MORPHOLINO)-ETHANESULFONIC ACID'
5 non-polymer URACIL
6 water water
#
_entity_poly.entity_id   1
_entity_poly.type   'polypeptide(L)'
_entity_poly.pdbx_seq_one_letter_code
;MRMVDLIAKKRDGKALTKEEIEWIVRGYTNGDIPDYQMSALAMAIYFRGMTEEETAALTMAMVQSGEMLDLSSIRGVKVD
KHSTGGVGDTTTLVLGPLVASVGVPVAKMSGRGLGHTGGTIDKLESVPGFHVEISKDEFIRLVNENGIAIIGQTGDLTPA
DKKLYALRDVTATVNSIPLIASSIMSKKIAAGADAIVLDVKTGAGAFMKKLDEARRLARVMVDIGKRVGRRTMAVISDMS
QPLGYAVGNALEVKEAIETLKGNGPHDLTELCLTLGSHMVYLAEKAPSLDEARRLLEEAIRSGAAIAAFKTFLAAQGGDA
SVVDDLDKLPKAAYTSTVTAAADGYVAEMAADDIGTAAMWLGAGRAKKEDVIDLAVGIVLHKKIGDRVQKGEALATIHSN
RPDVLDVKEKIEAAIRLSPQPVARPPLIYETIV
;
_entity_poly.pdbx_strand_id   A,B
#
loop_
_chem_comp.id
_chem_comp.type
_chem_comp.name
_chem_comp.formula
CA non-polymer 'CALCIUM ION' 'Ca 2'
MES non-polymer '2-(N-MORPHOLINO)-ETHANESULFONIC ACID' 'C6 H13 N O4 S'
PO4 non-polymer 'PHOSPHATE ION' 'O4 P -3'
URA non-polymer URACIL 'C4 H4 N2 O2'
#
# COMPACT_ATOMS: atom_id res chain seq x y z
N MET A 1 -10.83 16.74 -6.28
CA MET A 1 -9.85 15.95 -5.48
C MET A 1 -9.72 14.56 -6.10
N ARG A 2 -8.49 14.07 -6.19
CA ARG A 2 -8.23 12.75 -6.75
C ARG A 2 -7.51 11.86 -5.75
N MET A 3 -7.97 10.62 -5.64
CA MET A 3 -7.36 9.66 -4.73
C MET A 3 -5.87 9.46 -5.03
N VAL A 4 -5.53 9.38 -6.32
CA VAL A 4 -4.14 9.18 -6.72
C VAL A 4 -3.20 10.24 -6.18
N ASP A 5 -3.66 11.49 -6.18
CA ASP A 5 -2.85 12.61 -5.66
C ASP A 5 -2.62 12.49 -4.17
N LEU A 6 -3.57 11.89 -3.46
CA LEU A 6 -3.47 11.70 -2.02
C LEU A 6 -2.54 10.54 -1.69
N ILE A 7 -2.59 9.48 -2.50
CA ILE A 7 -1.71 8.32 -2.31
C ILE A 7 -0.28 8.86 -2.47
N ALA A 8 -0.09 9.70 -3.49
CA ALA A 8 1.20 10.32 -3.78
C ALA A 8 1.70 11.16 -2.59
N LYS A 9 0.81 11.91 -1.97
CA LYS A 9 1.18 12.75 -0.80
C LYS A 9 1.76 11.87 0.29
N LYS A 10 1.07 10.76 0.56
CA LYS A 10 1.50 9.82 1.60
C LYS A 10 2.80 9.12 1.24
N ARG A 11 2.92 8.71 -0.02
CA ARG A 11 4.11 8.03 -0.52
C ARG A 11 5.34 8.90 -0.28
N ASP A 12 5.19 10.19 -0.56
CA ASP A 12 6.26 11.16 -0.37
C ASP A 12 6.39 11.65 1.08
N GLY A 13 5.75 10.94 2.01
CA GLY A 13 5.84 11.29 3.42
C GLY A 13 5.18 12.57 3.90
N LYS A 14 4.14 13.01 3.19
CA LYS A 14 3.43 14.23 3.58
C LYS A 14 2.20 13.89 4.43
N ALA A 15 1.75 14.86 5.21
CA ALA A 15 0.59 14.66 6.07
C ALA A 15 -0.72 14.99 5.38
N LEU A 16 -1.68 14.08 5.48
CA LEU A 16 -3.00 14.28 4.89
C LEU A 16 -3.84 15.12 5.87
N THR A 17 -4.70 15.98 5.33
CA THR A 17 -5.56 16.82 6.15
C THR A 17 -6.77 16.01 6.61
N LYS A 18 -7.43 16.45 7.68
CA LYS A 18 -8.62 15.78 8.20
C LYS A 18 -9.66 15.67 7.08
N GLU A 19 -9.82 16.74 6.30
CA GLU A 19 -10.79 16.78 5.19
C GLU A 19 -10.43 15.73 4.13
N GLU A 20 -9.13 15.54 3.85
CA GLU A 20 -8.71 14.55 2.85
C GLU A 20 -9.00 13.16 3.37
N ILE A 21 -8.67 12.91 4.63
CA ILE A 21 -8.91 11.62 5.26
C ILE A 21 -10.40 11.28 5.31
N GLU A 22 -11.24 12.26 5.62
CA GLU A 22 -12.69 12.04 5.66
C GLU A 22 -13.23 11.74 4.26
N TRP A 23 -12.68 12.44 3.27
CA TRP A 23 -13.07 12.23 1.88
C TRP A 23 -12.73 10.79 1.47
N ILE A 24 -11.55 10.32 1.90
CA ILE A 24 -11.08 8.97 1.57
C ILE A 24 -11.98 7.87 2.15
N VAL A 25 -12.18 7.92 3.46
CA VAL A 25 -12.99 6.92 4.16
C VAL A 25 -14.41 6.79 3.63
N ARG A 26 -15.10 7.90 3.41
CA ARG A 26 -16.48 7.79 2.91
C ARG A 26 -16.53 7.28 1.48
N GLY A 27 -15.53 7.65 0.68
CA GLY A 27 -15.46 7.21 -0.70
C GLY A 27 -15.17 5.72 -0.79
N TYR A 28 -14.36 5.22 0.13
CA TYR A 28 -14.02 3.79 0.15
C TYR A 28 -15.23 2.98 0.58
N THR A 29 -15.94 3.47 1.60
CA THR A 29 -17.11 2.79 2.12
C THR A 29 -18.26 2.75 1.12
N ASN A 30 -18.47 3.86 0.41
CA ASN A 30 -19.57 3.89 -0.56
C ASN A 30 -19.22 3.33 -1.95
N GLY A 31 -17.96 2.91 -2.14
CA GLY A 31 -17.56 2.33 -3.42
C GLY A 31 -16.96 3.19 -4.51
N ASP A 32 -16.79 4.49 -4.27
CA ASP A 32 -16.21 5.36 -5.30
C ASP A 32 -14.68 5.29 -5.37
N ILE A 33 -14.07 4.73 -4.33
CA ILE A 33 -12.63 4.55 -4.28
C ILE A 33 -12.42 3.04 -4.27
N PRO A 34 -12.00 2.47 -5.42
CA PRO A 34 -11.76 1.03 -5.56
C PRO A 34 -10.70 0.49 -4.61
N ASP A 35 -10.77 -0.81 -4.33
CA ASP A 35 -9.82 -1.47 -3.45
C ASP A 35 -8.37 -1.30 -3.90
N TYR A 36 -8.11 -1.33 -5.20
CA TYR A 36 -6.73 -1.19 -5.71
C TYR A 36 -6.06 0.14 -5.36
N GLN A 37 -6.86 1.16 -5.09
CA GLN A 37 -6.31 2.46 -4.69
C GLN A 37 -6.17 2.50 -3.18
N MET A 38 -7.05 1.81 -2.48
CA MET A 38 -7.01 1.77 -1.02
C MET A 38 -5.86 0.89 -0.53
N SER A 39 -5.58 -0.19 -1.26
CA SER A 39 -4.49 -1.10 -0.91
C SER A 39 -3.14 -0.40 -1.08
N ALA A 40 -3.02 0.40 -2.14
CA ALA A 40 -1.79 1.16 -2.40
C ALA A 40 -1.58 2.17 -1.27
N LEU A 41 -2.65 2.88 -0.87
CA LEU A 41 -2.55 3.85 0.23
C LEU A 41 -2.15 3.15 1.50
N ALA A 42 -2.76 2.00 1.75
CA ALA A 42 -2.46 1.22 2.95
C ALA A 42 -0.99 0.80 3.03
N MET A 43 -0.40 0.45 1.89
CA MET A 43 1.02 0.04 1.87
C MET A 43 1.86 1.28 2.08
N ALA A 44 1.46 2.40 1.49
CA ALA A 44 2.18 3.66 1.67
C ALA A 44 2.20 4.06 3.16
N ILE A 45 1.09 3.83 3.88
CA ILE A 45 1.01 4.12 5.31
C ILE A 45 1.90 3.16 6.11
N TYR A 46 1.95 1.90 5.67
CA TYR A 46 2.79 0.90 6.35
C TYR A 46 4.25 1.36 6.38
N PHE A 47 4.68 2.05 5.32
CA PHE A 47 6.05 2.53 5.20
C PHE A 47 6.27 3.96 5.67
N ARG A 48 5.29 4.83 5.49
CA ARG A 48 5.43 6.24 5.89
C ARG A 48 4.83 6.64 7.24
N GLY A 49 3.83 5.89 7.71
CA GLY A 49 3.20 6.18 8.99
C GLY A 49 2.28 7.40 9.01
N MET A 50 1.88 7.81 10.20
CA MET A 50 1.00 8.98 10.36
C MET A 50 1.31 9.72 11.65
N THR A 51 0.98 11.01 11.69
CA THR A 51 1.16 11.81 12.89
C THR A 51 0.01 11.43 13.83
N GLU A 52 0.11 11.83 15.09
CA GLU A 52 -0.94 11.54 16.06
C GLU A 52 -2.27 12.18 15.62
N GLU A 53 -2.17 13.36 15.01
CA GLU A 53 -3.34 14.09 14.52
C GLU A 53 -4.00 13.39 13.33
N GLU A 54 -3.19 12.84 12.43
CA GLU A 54 -3.69 12.10 11.27
C GLU A 54 -4.42 10.85 11.72
N THR A 55 -3.86 10.15 12.69
CA THR A 55 -4.45 8.91 13.20
C THR A 55 -5.80 9.18 13.89
N ALA A 56 -5.90 10.32 14.57
CA ALA A 56 -7.12 10.71 15.26
C ALA A 56 -8.24 10.93 14.24
N ALA A 57 -7.93 11.66 13.18
CA ALA A 57 -8.87 11.94 12.11
C ALA A 57 -9.31 10.66 11.38
N LEU A 58 -8.38 9.72 11.22
CA LEU A 58 -8.69 8.46 10.55
C LEU A 58 -9.69 7.69 11.41
N THR A 59 -9.51 7.75 12.72
CA THR A 59 -10.39 7.06 13.67
C THR A 59 -11.81 7.64 13.65
N MET A 60 -11.92 8.97 13.70
CA MET A 60 -13.23 9.63 13.70
C MET A 60 -13.98 9.40 12.40
N ALA A 61 -13.24 9.38 11.28
CA ALA A 61 -13.86 9.13 9.98
C ALA A 61 -14.45 7.72 9.91
N MET A 62 -13.82 6.78 10.60
CA MET A 62 -14.32 5.40 10.62
C MET A 62 -15.54 5.27 11.55
N VAL A 63 -15.56 6.08 12.61
CA VAL A 63 -16.68 6.07 13.56
C VAL A 63 -17.92 6.60 12.84
N GLN A 64 -17.70 7.62 12.01
CA GLN A 64 -18.76 8.27 11.24
C GLN A 64 -19.42 7.36 10.21
N SER A 65 -18.70 6.33 9.75
CA SER A 65 -19.22 5.40 8.75
C SER A 65 -20.35 4.52 9.26
N GLY A 66 -20.50 4.44 10.58
CA GLY A 66 -21.55 3.62 11.17
C GLY A 66 -22.35 4.30 12.26
N GLU A 67 -22.99 3.48 13.09
CA GLU A 67 -23.86 3.98 14.16
C GLU A 67 -23.10 3.99 15.49
N MET A 68 -23.62 4.78 16.44
CA MET A 68 -23.07 4.91 17.79
C MET A 68 -24.01 4.27 18.81
N LEU A 69 -23.48 3.44 19.69
CA LEU A 69 -24.32 2.81 20.71
C LEU A 69 -24.60 3.78 21.84
N ASP A 70 -25.87 3.89 22.19
CA ASP A 70 -26.31 4.75 23.29
C ASP A 70 -26.49 3.83 24.49
N LEU A 71 -25.61 3.96 25.47
CA LEU A 71 -25.68 3.13 26.67
C LEU A 71 -26.14 3.93 27.90
N SER A 72 -26.70 5.11 27.66
CA SER A 72 -27.17 5.98 28.74
C SER A 72 -28.22 5.29 29.61
N SER A 73 -28.92 4.32 29.04
CA SER A 73 -29.95 3.55 29.76
C SER A 73 -29.36 2.85 30.97
N ILE A 74 -28.04 2.66 30.97
CA ILE A 74 -27.34 2.03 32.08
C ILE A 74 -26.79 3.19 32.89
N ARG A 75 -27.18 3.29 34.16
CA ARG A 75 -26.72 4.38 35.01
C ARG A 75 -25.36 4.17 35.67
N GLY A 76 -24.53 5.20 35.60
CA GLY A 76 -23.21 5.13 36.18
C GLY A 76 -22.16 5.04 35.10
N VAL A 77 -20.89 4.97 35.50
CA VAL A 77 -19.79 4.89 34.54
C VAL A 77 -19.62 3.46 34.04
N LYS A 78 -19.76 3.29 32.72
CA LYS A 78 -19.60 1.98 32.09
C LYS A 78 -18.14 1.85 31.65
N VAL A 79 -17.51 0.73 31.95
CA VAL A 79 -16.10 0.52 31.59
C VAL A 79 -15.87 -0.60 30.59
N ASP A 80 -15.04 -0.31 29.59
CA ASP A 80 -14.65 -1.23 28.53
C ASP A 80 -13.15 -1.61 28.67
N LYS A 81 -12.76 -2.72 28.06
CA LYS A 81 -11.37 -3.20 28.10
C LYS A 81 -11.01 -3.84 26.76
N HIS A 82 -9.76 -3.68 26.35
CA HIS A 82 -9.29 -4.25 25.09
C HIS A 82 -7.78 -4.48 25.00
N SER A 83 -7.42 -5.68 24.55
CA SER A 83 -6.03 -6.09 24.35
C SER A 83 -5.69 -5.95 22.87
N THR A 84 -4.43 -5.65 22.56
CA THR A 84 -4.01 -5.53 21.17
C THR A 84 -3.87 -6.91 20.50
N GLY A 85 -3.87 -7.97 21.31
CA GLY A 85 -3.76 -9.34 20.80
C GLY A 85 -2.53 -10.09 21.29
N GLY A 86 -2.71 -11.33 21.74
CA GLY A 86 -1.59 -12.12 22.23
C GLY A 86 -1.77 -13.63 22.24
N VAL A 87 -0.99 -14.30 23.07
CA VAL A 87 -1.01 -15.77 23.18
C VAL A 87 -1.26 -16.15 24.64
N GLY A 88 -2.23 -17.05 24.87
CA GLY A 88 -2.55 -17.48 26.22
C GLY A 88 -3.14 -16.35 27.08
N ASP A 89 -3.63 -15.31 26.41
CA ASP A 89 -4.20 -14.12 27.04
C ASP A 89 -5.59 -14.37 27.64
N THR A 90 -5.59 -14.95 28.83
CA THR A 90 -6.78 -15.30 29.59
C THR A 90 -7.45 -14.11 30.31
N THR A 91 -6.72 -12.99 30.39
CA THR A 91 -7.16 -11.77 31.05
C THR A 91 -8.66 -11.45 31.14
N THR A 92 -9.32 -11.22 30.00
CA THR A 92 -10.74 -10.90 29.99
C THR A 92 -11.64 -11.86 30.76
N LEU A 93 -11.40 -13.16 30.60
CA LEU A 93 -12.20 -14.18 31.29
C LEU A 93 -12.16 -14.02 32.81
N VAL A 94 -11.08 -13.45 33.32
CA VAL A 94 -10.92 -13.25 34.76
C VAL A 94 -11.35 -11.83 35.18
N LEU A 95 -10.77 -10.85 34.50
CA LEU A 95 -10.99 -9.43 34.72
C LEU A 95 -12.46 -9.00 34.69
N GLY A 96 -13.20 -9.41 33.66
CA GLY A 96 -14.61 -9.05 33.55
C GLY A 96 -15.41 -9.37 34.81
N PRO A 97 -15.55 -10.66 35.17
CA PRO A 97 -16.28 -11.12 36.36
C PRO A 97 -15.72 -10.57 37.67
N LEU A 98 -14.41 -10.36 37.72
CA LEU A 98 -13.75 -9.83 38.91
C LEU A 98 -14.16 -8.39 39.25
N VAL A 99 -14.18 -7.51 38.27
CA VAL A 99 -14.55 -6.12 38.52
C VAL A 99 -16.06 -5.89 38.65
N ALA A 100 -16.86 -6.79 38.09
CA ALA A 100 -18.31 -6.68 38.18
C ALA A 100 -18.80 -7.22 39.53
N SER A 101 -17.95 -8.01 40.19
CA SER A 101 -18.28 -8.57 41.48
C SER A 101 -18.19 -7.51 42.59
N VAL A 102 -17.60 -6.36 42.29
CA VAL A 102 -17.49 -5.30 43.27
C VAL A 102 -18.34 -4.10 42.86
N GLY A 103 -19.20 -4.31 41.85
CA GLY A 103 -20.09 -3.26 41.41
C GLY A 103 -19.79 -2.47 40.16
N VAL A 104 -18.79 -2.87 39.39
CA VAL A 104 -18.45 -2.15 38.15
C VAL A 104 -19.27 -2.61 36.96
N PRO A 105 -19.89 -1.66 36.23
CA PRO A 105 -20.71 -2.00 35.05
C PRO A 105 -19.79 -2.28 33.84
N VAL A 106 -19.64 -3.56 33.50
CA VAL A 106 -18.78 -3.99 32.38
C VAL A 106 -19.53 -4.21 31.06
N ALA A 107 -19.32 -3.29 30.12
CA ALA A 107 -19.94 -3.37 28.79
C ALA A 107 -18.83 -3.68 27.76
N LYS A 108 -18.62 -4.98 27.48
CA LYS A 108 -17.56 -5.38 26.55
C LYS A 108 -17.89 -6.26 25.35
N MET A 109 -17.37 -5.83 24.20
CA MET A 109 -17.49 -6.57 22.94
C MET A 109 -16.08 -7.15 22.64
N SER A 110 -16.02 -8.37 22.13
CA SER A 110 -14.74 -9.03 21.80
C SER A 110 -14.74 -9.60 20.37
N GLY A 111 -13.64 -10.25 20.02
CA GLY A 111 -13.52 -10.84 18.69
C GLY A 111 -13.00 -12.27 18.76
N ARG A 112 -12.99 -12.94 17.60
CA ARG A 112 -12.51 -14.32 17.50
C ARG A 112 -11.02 -14.33 17.12
N GLY A 113 -10.35 -15.46 17.35
CA GLY A 113 -8.94 -15.58 17.03
C GLY A 113 -8.65 -15.80 15.56
N LEU A 114 -7.36 -15.69 15.20
CA LEU A 114 -6.92 -15.88 13.82
C LEU A 114 -5.39 -15.96 13.75
N GLY A 115 -4.88 -17.03 13.16
CA GLY A 115 -3.44 -17.18 13.07
C GLY A 115 -2.84 -17.68 14.37
N HIS A 116 -1.85 -16.97 14.90
CA HIS A 116 -1.21 -17.40 16.14
C HIS A 116 -1.77 -16.72 17.39
N THR A 117 -2.75 -15.83 17.22
CA THR A 117 -3.36 -15.14 18.37
C THR A 117 -4.77 -15.64 18.66
N GLY A 118 -5.07 -15.82 19.94
CA GLY A 118 -6.39 -16.29 20.35
C GLY A 118 -7.49 -15.23 20.38
N GLY A 119 -8.70 -15.69 20.66
CA GLY A 119 -9.87 -14.82 20.74
C GLY A 119 -10.76 -15.20 21.91
N THR A 120 -11.12 -14.20 22.72
CA THR A 120 -11.99 -14.42 23.89
C THR A 120 -13.31 -15.07 23.49
N ILE A 121 -13.89 -14.63 22.37
CA ILE A 121 -15.14 -15.20 21.90
C ILE A 121 -15.02 -16.72 21.74
N ASP A 122 -13.92 -17.18 21.13
CA ASP A 122 -13.70 -18.61 20.94
C ASP A 122 -13.55 -19.31 22.28
N LYS A 123 -12.85 -18.68 23.23
CA LYS A 123 -12.65 -19.28 24.55
C LYS A 123 -13.99 -19.41 25.30
N LEU A 124 -14.84 -18.40 25.18
CA LEU A 124 -16.16 -18.42 25.85
C LEU A 124 -17.05 -19.55 25.32
N GLU A 125 -16.96 -19.82 24.02
CA GLU A 125 -17.75 -20.87 23.40
C GLU A 125 -17.41 -22.29 23.86
N SER A 126 -16.29 -22.45 24.57
CA SER A 126 -15.91 -23.78 25.08
C SER A 126 -16.83 -24.16 26.24
N VAL A 127 -17.52 -23.16 26.80
CA VAL A 127 -18.46 -23.37 27.90
C VAL A 127 -19.80 -23.76 27.27
N PRO A 128 -20.29 -24.97 27.56
CA PRO A 128 -21.55 -25.51 27.04
C PRO A 128 -22.73 -24.53 26.97
N GLY A 129 -23.23 -24.31 25.77
CA GLY A 129 -24.38 -23.43 25.57
C GLY A 129 -24.22 -21.92 25.56
N PHE A 130 -23.02 -21.41 25.81
CA PHE A 130 -22.80 -19.96 25.83
C PHE A 130 -23.08 -19.27 24.50
N HIS A 131 -23.87 -18.20 24.55
CA HIS A 131 -24.24 -17.43 23.35
C HIS A 131 -23.50 -16.10 23.31
N VAL A 132 -22.84 -15.82 22.19
CA VAL A 132 -22.07 -14.59 22.02
C VAL A 132 -22.71 -13.61 21.02
N GLU A 133 -23.66 -14.09 20.22
CA GLU A 133 -24.35 -13.24 19.25
C GLU A 133 -25.56 -12.57 19.92
N ILE A 134 -25.29 -11.45 20.59
CA ILE A 134 -26.26 -10.68 21.35
C ILE A 134 -26.52 -9.31 20.72
N SER A 135 -27.80 -8.92 20.65
CA SER A 135 -28.23 -7.63 20.08
C SER A 135 -28.06 -6.46 21.06
N LYS A 136 -28.18 -5.25 20.51
CA LYS A 136 -28.03 -4.01 21.29
C LYS A 136 -28.95 -3.96 22.51
N ASP A 137 -30.17 -4.44 22.35
CA ASP A 137 -31.16 -4.44 23.43
C ASP A 137 -30.90 -5.52 24.48
N GLU A 138 -30.45 -6.69 24.04
CA GLU A 138 -30.15 -7.79 24.96
C GLU A 138 -28.93 -7.40 25.80
N PHE A 139 -28.02 -6.68 25.16
CA PHE A 139 -26.75 -6.23 25.76
C PHE A 139 -26.98 -5.31 26.97
N ILE A 140 -27.81 -4.28 26.77
CA ILE A 140 -28.15 -3.30 27.79
C ILE A 140 -28.82 -3.99 28.99
N ARG A 141 -29.73 -4.93 28.70
CA ARG A 141 -30.45 -5.67 29.72
C ARG A 141 -29.50 -6.48 30.61
N LEU A 142 -28.53 -7.12 29.98
CA LEU A 142 -27.54 -7.94 30.67
C LEU A 142 -26.67 -7.13 31.63
N VAL A 143 -26.22 -5.97 31.16
CA VAL A 143 -25.38 -5.10 31.98
C VAL A 143 -26.18 -4.53 33.15
N ASN A 144 -27.41 -4.08 32.88
CA ASN A 144 -28.26 -3.52 33.94
C ASN A 144 -28.62 -4.59 34.98
N GLU A 145 -28.82 -5.82 34.52
CA GLU A 145 -29.19 -6.95 35.37
C GLU A 145 -28.06 -7.56 36.23
N ASN A 146 -26.97 -7.97 35.59
CA ASN A 146 -25.84 -8.59 36.29
C ASN A 146 -24.59 -7.71 36.44
N GLY A 147 -24.54 -6.62 35.69
CA GLY A 147 -23.40 -5.71 35.75
C GLY A 147 -22.26 -6.09 34.81
N ILE A 148 -22.51 -7.03 33.91
CA ILE A 148 -21.51 -7.50 32.96
C ILE A 148 -22.13 -8.17 31.74
N ALA A 149 -21.45 -8.02 30.62
CA ALA A 149 -21.85 -8.62 29.36
C ALA A 149 -20.64 -8.62 28.41
N ILE A 150 -20.25 -9.81 27.96
CA ILE A 150 -19.15 -9.97 27.02
C ILE A 150 -19.77 -10.64 25.80
N ILE A 151 -19.93 -9.87 24.74
CA ILE A 151 -20.56 -10.37 23.51
C ILE A 151 -19.72 -10.16 22.24
N GLY A 152 -20.16 -10.76 21.15
CA GLY A 152 -19.46 -10.62 19.88
C GLY A 152 -19.62 -9.22 19.33
N GLN A 153 -18.66 -8.79 18.52
CA GLN A 153 -18.67 -7.44 17.92
C GLN A 153 -19.75 -7.37 16.84
N THR A 154 -21.04 -7.14 17.18
CA THR A 154 -22.27 -7.08 16.38
C THR A 154 -22.06 -6.13 15.21
N GLY A 155 -22.29 -6.73 14.00
CA GLY A 155 -22.16 -6.12 12.69
C GLY A 155 -22.02 -4.61 12.74
N ASP A 156 -22.68 -4.01 12.52
CA ASP A 156 -23.43 -2.75 12.45
C ASP A 156 -22.50 -1.58 12.79
N LEU A 157 -21.61 -1.73 13.74
CA LEU A 157 -20.70 -0.65 14.15
C LEU A 157 -19.47 -0.57 13.24
N THR A 158 -19.14 0.66 12.83
CA THR A 158 -17.98 0.95 11.98
C THR A 158 -17.78 0.01 10.80
N PRO A 159 -18.60 0.16 9.74
CA PRO A 159 -18.54 -0.66 8.53
C PRO A 159 -17.22 -0.45 7.76
N ALA A 160 -16.68 0.77 7.85
CA ALA A 160 -15.41 1.14 7.21
C ALA A 160 -14.25 0.30 7.75
N ASP A 161 -14.30 0.01 9.05
CA ASP A 161 -13.26 -0.79 9.68
C ASP A 161 -13.34 -2.26 9.26
N LYS A 162 -14.56 -2.78 9.09
CA LYS A 162 -14.75 -4.17 8.71
C LYS A 162 -14.20 -4.39 7.30
N LYS A 163 -14.46 -3.41 6.44
CA LYS A 163 -14.04 -3.43 5.05
C LYS A 163 -12.52 -3.27 4.95
N LEU A 164 -11.97 -2.26 5.63
CA LEU A 164 -10.55 -1.99 5.60
C LEU A 164 -9.69 -3.09 6.22
N TYR A 165 -10.15 -3.72 7.29
CA TYR A 165 -9.36 -4.77 7.91
C TYR A 165 -9.27 -5.97 6.97
N ALA A 166 -10.37 -6.29 6.31
CA ALA A 166 -10.40 -7.41 5.37
C ALA A 166 -9.36 -7.17 4.27
N LEU A 167 -9.24 -5.93 3.82
CA LEU A 167 -8.31 -5.54 2.77
C LEU A 167 -6.86 -5.65 3.27
N ARG A 168 -6.60 -5.16 4.48
CA ARG A 168 -5.27 -5.22 5.08
C ARG A 168 -4.82 -6.68 5.22
N ASP A 169 -5.79 -7.55 5.45
CA ASP A 169 -5.53 -8.98 5.62
C ASP A 169 -4.99 -9.68 4.35
N VAL A 170 -5.43 -9.23 3.18
CA VAL A 170 -4.97 -9.84 1.92
C VAL A 170 -3.91 -9.02 1.18
N THR A 171 -3.42 -7.94 1.81
CA THR A 171 -2.40 -7.10 1.19
C THR A 171 -1.16 -6.97 2.07
N ALA A 172 -1.13 -7.73 3.18
CA ALA A 172 -0.01 -7.74 4.13
C ALA A 172 0.23 -6.40 4.84
N THR A 173 -0.84 -5.62 5.03
CA THR A 173 -0.76 -4.33 5.70
C THR A 173 -1.52 -4.25 7.03
N VAL A 174 -1.47 -5.33 7.80
CA VAL A 174 -2.13 -5.40 9.10
C VAL A 174 -1.29 -4.70 10.17
N ASN A 175 -0.04 -5.11 10.30
CA ASN A 175 0.87 -4.56 11.32
C ASN A 175 1.39 -3.15 11.07
N SER A 176 0.51 -2.17 11.26
CA SER A 176 0.85 -0.76 11.08
C SER A 176 0.22 -0.01 12.26
N ILE A 177 1.03 0.74 13.01
CA ILE A 177 0.52 1.49 14.17
C ILE A 177 -0.75 2.31 13.90
N PRO A 178 -0.72 3.20 12.90
CA PRO A 178 -1.90 4.03 12.58
C PRO A 178 -3.14 3.20 12.29
N LEU A 179 -2.98 2.12 11.52
CA LEU A 179 -4.09 1.25 11.14
C LEU A 179 -4.60 0.38 12.29
N ILE A 180 -3.71 0.07 13.24
CA ILE A 180 -4.09 -0.74 14.38
C ILE A 180 -4.81 0.13 15.42
N ALA A 181 -4.28 1.34 15.64
CA ALA A 181 -4.84 2.28 16.60
C ALA A 181 -6.24 2.70 16.20
N SER A 182 -6.40 3.15 14.96
CA SER A 182 -7.68 3.60 14.46
C SER A 182 -8.71 2.47 14.42
N SER A 183 -8.24 1.23 14.20
CA SER A 183 -9.12 0.08 14.13
C SER A 183 -9.72 -0.24 15.51
N ILE A 184 -8.86 -0.33 16.52
CA ILE A 184 -9.28 -0.63 17.88
C ILE A 184 -10.12 0.50 18.50
N MET A 185 -9.65 1.73 18.40
CA MET A 185 -10.36 2.87 18.99
C MET A 185 -11.67 3.22 18.34
N SER A 186 -11.77 3.05 17.02
CA SER A 186 -13.01 3.35 16.32
C SER A 186 -14.12 2.45 16.88
N LYS A 187 -13.77 1.21 17.21
CA LYS A 187 -14.72 0.26 17.75
C LYS A 187 -15.13 0.55 19.20
N LYS A 188 -14.17 0.95 20.03
CA LYS A 188 -14.45 1.26 21.43
C LYS A 188 -15.28 2.54 21.57
N ILE A 189 -14.99 3.54 20.75
CA ILE A 189 -15.70 4.81 20.79
C ILE A 189 -17.14 4.61 20.31
N ALA A 190 -17.30 3.82 19.26
CA ALA A 190 -18.63 3.53 18.71
C ALA A 190 -19.42 2.64 19.67
N ALA A 191 -18.73 1.86 20.50
CA ALA A 191 -19.38 0.96 21.44
C ALA A 191 -20.08 1.68 22.60
N GLY A 192 -19.70 2.93 22.86
CA GLY A 192 -20.35 3.71 23.90
C GLY A 192 -19.88 3.81 25.35
N ALA A 193 -18.98 2.94 25.83
CA ALA A 193 -18.50 2.99 27.22
C ALA A 193 -17.91 4.35 27.60
N ASP A 194 -17.95 4.66 28.89
CA ASP A 194 -17.44 5.94 29.41
C ASP A 194 -15.94 5.92 29.67
N ALA A 195 -15.44 4.76 30.09
CA ALA A 195 -14.02 4.57 30.40
C ALA A 195 -13.48 3.36 29.64
N ILE A 196 -12.26 3.47 29.14
CA ILE A 196 -11.61 2.40 28.36
C ILE A 196 -10.20 2.13 28.87
N VAL A 197 -9.94 0.89 29.28
CA VAL A 197 -8.62 0.49 29.75
C VAL A 197 -8.00 -0.42 28.67
N LEU A 198 -6.84 -0.02 28.18
CA LEU A 198 -6.16 -0.76 27.11
C LEU A 198 -4.97 -1.60 27.58
N ASP A 199 -4.85 -2.80 27.04
CA ASP A 199 -3.72 -3.67 27.37
C ASP A 199 -2.86 -3.84 26.11
N VAL A 200 -1.80 -3.04 26.00
CA VAL A 200 -0.93 -3.11 24.83
C VAL A 200 0.19 -4.11 25.03
N LYS A 201 0.14 -5.19 24.25
CA LYS A 201 1.12 -6.26 24.31
C LYS A 201 2.41 -5.94 23.52
N THR A 202 3.55 -6.38 24.06
CA THR A 202 4.84 -6.16 23.40
C THR A 202 5.70 -7.41 23.44
N GLY A 203 6.35 -7.70 22.31
CA GLY A 203 7.20 -8.88 22.23
C GLY A 203 6.89 -9.74 21.02
N ALA A 204 7.43 -10.95 21.03
CA ALA A 204 7.28 -11.92 19.94
C ALA A 204 5.85 -12.33 19.58
N GLY A 205 4.97 -12.42 20.58
CA GLY A 205 3.60 -12.82 20.36
C GLY A 205 2.64 -11.70 20.01
N ALA A 206 3.17 -10.48 19.93
CA ALA A 206 2.39 -9.29 19.62
C ALA A 206 2.64 -8.75 18.21
N PHE A 207 1.86 -7.75 17.82
CA PHE A 207 2.00 -7.09 16.52
C PHE A 207 3.16 -6.11 16.71
N MET A 208 3.22 -5.51 17.89
CA MET A 208 4.26 -4.56 18.27
C MET A 208 5.38 -5.38 18.86
N LYS A 209 6.38 -5.69 18.03
CA LYS A 209 7.49 -6.49 18.50
C LYS A 209 8.43 -5.74 19.42
N LYS A 210 8.73 -4.49 19.09
CA LYS A 210 9.65 -3.68 19.90
C LYS A 210 8.93 -2.82 20.92
N LEU A 211 9.57 -2.63 22.08
CA LEU A 211 8.99 -1.82 23.16
C LEU A 211 8.66 -0.40 22.72
N ASP A 212 9.54 0.21 21.93
CA ASP A 212 9.31 1.56 21.46
C ASP A 212 8.10 1.70 20.55
N GLU A 213 7.73 0.61 19.88
CA GLU A 213 6.57 0.58 19.00
C GLU A 213 5.30 0.52 19.86
N ALA A 214 5.39 -0.29 20.92
CA ALA A 214 4.30 -0.49 21.88
C ALA A 214 3.95 0.79 22.61
N ARG A 215 4.98 1.57 22.96
CA ARG A 215 4.82 2.83 23.66
C ARG A 215 4.09 3.85 22.78
N ARG A 216 4.50 3.91 21.51
CA ARG A 216 3.89 4.81 20.55
C ARG A 216 2.43 4.42 20.27
N LEU A 217 2.13 3.13 20.33
CA LEU A 217 0.77 2.65 20.07
C LEU A 217 -0.17 2.98 21.23
N ALA A 218 0.28 2.71 22.46
CA ALA A 218 -0.52 3.00 23.65
C ALA A 218 -0.80 4.48 23.80
N ARG A 219 0.22 5.29 23.52
CA ARG A 219 0.12 6.73 23.63
C ARG A 219 -0.91 7.35 22.69
N VAL A 220 -0.86 6.97 21.41
CA VAL A 220 -1.79 7.53 20.44
C VAL A 220 -3.23 7.09 20.73
N MET A 221 -3.41 5.84 21.20
CA MET A 221 -4.74 5.35 21.52
C MET A 221 -5.34 6.07 22.74
N VAL A 222 -4.52 6.34 23.75
CA VAL A 222 -4.98 7.07 24.93
C VAL A 222 -5.39 8.49 24.53
N ASP A 223 -4.56 9.13 23.71
CA ASP A 223 -4.82 10.48 23.21
C ASP A 223 -6.13 10.53 22.41
N ILE A 224 -6.37 9.48 21.61
CA ILE A 224 -7.57 9.40 20.79
C ILE A 224 -8.86 9.37 21.64
N GLY A 225 -8.83 8.61 22.74
CA GLY A 225 -9.97 8.50 23.62
C GLY A 225 -10.28 9.81 24.34
N LYS A 226 -9.24 10.46 24.84
CA LYS A 226 -9.39 11.72 25.54
C LYS A 226 -9.90 12.85 24.65
N ARG A 227 -9.61 12.79 23.35
CA ARG A 227 -10.06 13.81 22.41
C ARG A 227 -11.59 13.87 22.32
N VAL A 228 -12.24 12.73 22.49
CA VAL A 228 -13.70 12.66 22.42
C VAL A 228 -14.36 12.44 23.79
N GLY A 229 -13.63 12.81 24.85
CA GLY A 229 -14.16 12.71 26.19
C GLY A 229 -14.22 11.41 26.94
N ARG A 230 -13.60 10.34 26.43
CA ARG A 230 -13.63 9.08 27.15
C ARG A 230 -12.47 9.04 28.12
N ARG A 231 -12.65 8.37 29.26
CA ARG A 231 -11.58 8.24 30.24
C ARG A 231 -10.74 7.04 29.80
N THR A 232 -9.65 7.32 29.09
CA THR A 232 -8.80 6.27 28.57
C THR A 232 -7.48 6.14 29.32
N MET A 233 -7.02 4.90 29.45
CA MET A 233 -5.79 4.58 30.14
C MET A 233 -5.19 3.30 29.50
N ALA A 234 -3.89 3.07 29.67
CA ALA A 234 -3.22 1.90 29.10
C ALA A 234 -2.02 1.34 29.86
N VAL A 235 -1.80 0.04 29.74
CA VAL A 235 -0.63 -0.63 30.31
C VAL A 235 0.09 -1.35 29.15
N ILE A 236 1.42 -1.43 29.23
CA ILE A 236 2.23 -2.13 28.22
C ILE A 236 2.74 -3.36 28.95
N SER A 237 2.28 -4.54 28.54
CA SER A 237 2.67 -5.79 29.21
C SER A 237 3.43 -6.78 28.31
N ASP A 238 4.12 -7.72 28.97
CA ASP A 238 4.93 -8.74 28.31
C ASP A 238 4.21 -9.82 27.51
N MET A 239 4.65 -10.00 26.27
CA MET A 239 4.10 -11.02 25.38
C MET A 239 5.26 -11.70 24.58
N SER A 240 6.44 -11.73 25.21
CA SER A 240 7.61 -12.38 24.61
C SER A 240 7.41 -13.88 24.81
N GLN A 241 6.65 -14.22 25.86
CA GLN A 241 6.28 -15.59 26.19
C GLN A 241 4.76 -15.53 26.49
N PRO A 242 4.06 -16.68 26.44
CA PRO A 242 2.62 -16.70 26.71
C PRO A 242 2.29 -16.33 28.16
N LEU A 243 1.14 -15.69 28.35
CA LEU A 243 0.69 -15.29 29.68
C LEU A 243 0.14 -16.53 30.38
N GLY A 244 0.54 -16.75 31.63
CA GLY A 244 0.09 -17.91 32.37
C GLY A 244 0.76 -19.17 31.84
N TYR A 245 0.06 -20.30 31.93
CA TYR A 245 0.60 -21.57 31.44
C TYR A 245 -0.22 -22.14 30.28
N ALA A 246 -1.53 -21.97 30.33
CA ALA A 246 -2.43 -22.51 29.31
C ALA A 246 -2.63 -21.68 28.05
N VAL A 247 -2.66 -22.37 26.91
CA VAL A 247 -2.85 -21.74 25.61
C VAL A 247 -3.89 -22.58 24.86
N GLY A 248 -5.05 -21.98 24.63
CA GLY A 248 -6.13 -22.67 23.95
C GLY A 248 -7.49 -22.02 24.19
N ASN A 249 -8.47 -22.82 24.55
CA ASN A 249 -9.83 -22.33 24.80
C ASN A 249 -10.40 -22.93 26.08
N ALA A 250 -10.79 -24.21 26.02
CA ALA A 250 -11.32 -24.89 27.19
C ALA A 250 -10.27 -24.92 28.30
N LEU A 251 -8.99 -24.99 27.91
CA LEU A 251 -7.85 -25.02 28.84
C LEU A 251 -7.61 -23.63 29.45
N GLU A 252 -7.92 -22.57 28.70
CA GLU A 252 -7.77 -21.23 29.22
C GLU A 252 -8.95 -20.88 30.15
N VAL A 253 -10.11 -21.50 29.92
CA VAL A 253 -11.29 -21.29 30.76
C VAL A 253 -11.05 -21.94 32.12
N LYS A 254 -10.36 -23.08 32.12
CA LYS A 254 -10.04 -23.77 33.36
C LYS A 254 -9.01 -22.99 34.16
N GLU A 255 -8.15 -22.26 33.45
CA GLU A 255 -7.12 -21.44 34.09
C GLU A 255 -7.78 -20.22 34.71
N ALA A 256 -8.77 -19.67 34.02
CA ALA A 256 -9.52 -18.50 34.49
C ALA A 256 -10.24 -18.84 35.80
N ILE A 257 -10.87 -20.01 35.85
CA ILE A 257 -11.58 -20.50 37.02
C ILE A 257 -10.64 -20.68 38.24
N GLU A 258 -9.46 -21.26 38.02
CA GLU A 258 -8.50 -21.47 39.10
C GLU A 258 -7.98 -20.13 39.63
N THR A 259 -7.88 -19.13 38.76
CA THR A 259 -7.40 -17.80 39.14
C THR A 259 -8.44 -17.06 39.98
N LEU A 260 -9.71 -17.20 39.58
CA LEU A 260 -10.82 -16.57 40.27
C LEU A 260 -11.04 -17.20 41.66
N LYS A 261 -10.59 -18.44 41.81
CA LYS A 261 -10.69 -19.16 43.09
C LYS A 261 -9.47 -18.89 43.98
N GLY A 262 -8.54 -18.09 43.46
CA GLY A 262 -7.33 -17.75 44.21
C GLY A 262 -6.16 -18.72 44.13
N ASN A 263 -6.08 -19.52 43.07
CA ASN A 263 -4.99 -20.50 42.91
C ASN A 263 -4.37 -20.49 41.51
N GLY A 264 -4.38 -19.35 40.84
CA GLY A 264 -3.82 -19.27 39.50
C GLY A 264 -2.36 -18.87 39.40
N PRO A 265 -1.83 -18.76 38.16
CA PRO A 265 -0.44 -18.38 37.90
C PRO A 265 -0.21 -16.93 38.33
N HIS A 266 0.92 -16.69 38.99
CA HIS A 266 1.27 -15.37 39.50
C HIS A 266 1.22 -14.19 38.54
N ASP A 267 1.64 -14.41 37.29
CA ASP A 267 1.62 -13.34 36.30
C ASP A 267 0.20 -12.97 35.86
N LEU A 268 -0.67 -13.97 35.67
CA LEU A 268 -2.06 -13.73 35.25
C LEU A 268 -2.81 -12.96 36.36
N THR A 269 -2.60 -13.38 37.60
CA THR A 269 -3.22 -12.76 38.77
C THR A 269 -2.79 -11.30 38.92
N GLU A 270 -1.47 -11.06 38.83
CA GLU A 270 -0.93 -9.71 38.96
C GLU A 270 -1.45 -8.78 37.87
N LEU A 271 -1.50 -9.26 36.63
CA LEU A 271 -2.00 -8.45 35.53
C LEU A 271 -3.47 -8.05 35.72
N CYS A 272 -4.30 -9.00 36.14
CA CYS A 272 -5.73 -8.75 36.36
C CYS A 272 -5.99 -7.78 37.51
N LEU A 273 -5.26 -7.93 38.61
CA LEU A 273 -5.41 -7.06 39.77
C LEU A 273 -4.97 -5.64 39.46
N THR A 274 -4.02 -5.51 38.54
CA THR A 274 -3.50 -4.22 38.12
C THR A 274 -4.47 -3.54 37.14
N LEU A 275 -4.91 -4.27 36.13
CA LEU A 275 -5.86 -3.74 35.17
C LEU A 275 -7.20 -3.49 35.88
N GLY A 276 -7.58 -4.42 36.76
CA GLY A 276 -8.81 -4.30 37.51
C GLY A 276 -8.88 -3.03 38.36
N SER A 277 -7.80 -2.75 39.09
CA SER A 277 -7.72 -1.56 39.95
C SER A 277 -8.02 -0.28 39.18
N HIS A 278 -7.61 -0.23 37.92
CA HIS A 278 -7.85 0.95 37.11
C HIS A 278 -9.30 1.01 36.65
N MET A 279 -9.91 -0.14 36.42
CA MET A 279 -11.30 -0.21 35.99
C MET A 279 -12.23 0.26 37.13
N VAL A 280 -11.96 -0.24 38.33
CA VAL A 280 -12.72 0.09 39.53
C VAL A 280 -12.59 1.58 39.86
N TYR A 281 -11.36 2.06 39.81
CA TYR A 281 -11.04 3.45 40.10
C TYR A 281 -11.75 4.37 39.12
N LEU A 282 -11.66 4.06 37.83
CA LEU A 282 -12.29 4.87 36.79
C LEU A 282 -13.81 4.86 36.85
N ALA A 283 -14.38 3.79 37.39
CA ALA A 283 -15.82 3.66 37.51
C ALA A 283 -16.29 4.32 38.81
N GLU A 284 -15.34 4.94 39.51
CA GLU A 284 -15.56 5.63 40.77
C GLU A 284 -16.10 4.75 41.89
N LYS A 285 -15.76 3.47 41.84
CA LYS A 285 -16.20 2.52 42.85
C LYS A 285 -15.22 2.33 44.01
N ALA A 286 -14.18 3.15 44.04
CA ALA A 286 -13.18 3.15 45.11
C ALA A 286 -12.39 4.44 44.94
N PRO A 287 -12.00 5.08 46.07
CA PRO A 287 -11.25 6.34 46.18
C PRO A 287 -9.87 6.39 45.52
N SER A 288 -9.18 5.25 45.47
CA SER A 288 -7.83 5.17 44.88
C SER A 288 -7.54 3.79 44.31
N LEU A 289 -6.35 3.64 43.73
CA LEU A 289 -5.92 2.38 43.14
C LEU A 289 -5.65 1.35 44.23
N ASP A 290 -5.12 1.79 45.36
CA ASP A 290 -4.82 0.89 46.47
C ASP A 290 -6.10 0.34 47.10
N GLU A 291 -7.11 1.20 47.26
CA GLU A 291 -8.39 0.78 47.84
C GLU A 291 -9.09 -0.15 46.85
N ALA A 292 -9.03 0.20 45.57
CA ALA A 292 -9.64 -0.60 44.52
C ALA A 292 -9.06 -2.02 44.48
N ARG A 293 -7.75 -2.15 44.69
CA ARG A 293 -7.11 -3.47 44.67
C ARG A 293 -7.49 -4.31 45.87
N ARG A 294 -7.64 -3.66 47.02
CA ARG A 294 -8.03 -4.36 48.24
C ARG A 294 -9.41 -4.99 48.09
N LEU A 295 -10.30 -4.27 47.40
CA LEU A 295 -11.66 -4.76 47.15
C LEU A 295 -11.59 -6.01 46.29
N LEU A 296 -10.85 -5.92 45.19
CA LEU A 296 -10.68 -7.04 44.26
C LEU A 296 -10.09 -8.27 44.96
N GLU A 297 -9.07 -8.06 45.79
CA GLU A 297 -8.44 -9.15 46.51
C GLU A 297 -9.41 -9.80 47.50
N GLU A 298 -10.27 -8.97 48.11
CA GLU A 298 -11.26 -9.47 49.07
C GLU A 298 -12.34 -10.22 48.33
N ALA A 299 -12.68 -9.75 47.13
CA ALA A 299 -13.70 -10.38 46.30
C ALA A 299 -13.28 -11.79 45.89
N ILE A 300 -11.97 -11.98 45.71
CA ILE A 300 -11.44 -13.29 45.34
C ILE A 300 -11.44 -14.22 46.54
N ARG A 301 -10.91 -13.72 47.66
CA ARG A 301 -10.82 -14.46 48.91
C ARG A 301 -12.18 -14.87 49.50
N SER A 302 -13.18 -13.99 49.36
CA SER A 302 -14.52 -14.25 49.89
C SER A 302 -15.26 -15.29 49.08
N GLY A 303 -15.12 -15.23 47.77
CA GLY A 303 -15.79 -16.17 46.89
C GLY A 303 -16.79 -15.44 46.01
N ALA A 304 -16.85 -14.11 46.14
CA ALA A 304 -17.77 -13.30 45.34
C ALA A 304 -17.38 -13.27 43.87
N ALA A 305 -16.09 -13.34 43.61
CA ALA A 305 -15.54 -13.32 42.25
C ALA A 305 -15.94 -14.55 41.44
N ILE A 306 -15.83 -15.71 42.05
CA ILE A 306 -16.20 -16.93 41.36
C ILE A 306 -17.71 -17.06 41.21
N ALA A 307 -18.44 -16.43 42.13
CA ALA A 307 -19.91 -16.43 42.11
C ALA A 307 -20.40 -15.58 40.95
N ALA A 308 -19.76 -14.43 40.72
CA ALA A 308 -20.13 -13.56 39.63
C ALA A 308 -19.83 -14.18 38.28
N PHE A 309 -18.89 -15.12 38.25
CA PHE A 309 -18.50 -15.81 37.02
C PHE A 309 -19.63 -16.77 36.60
N LYS A 310 -20.12 -17.55 37.56
CA LYS A 310 -21.22 -18.49 37.31
C LYS A 310 -22.48 -17.76 36.82
N THR A 311 -22.80 -16.63 37.45
CA THR A 311 -23.96 -15.82 37.07
C THR A 311 -23.77 -15.30 35.66
N PHE A 312 -22.54 -14.89 35.37
CA PHE A 312 -22.15 -14.39 34.05
C PHE A 312 -22.39 -15.48 33.01
N LEU A 313 -21.94 -16.70 33.33
CA LEU A 313 -22.10 -17.85 32.44
C LEU A 313 -23.56 -18.19 32.14
N ALA A 314 -24.35 -18.44 33.19
CA ALA A 314 -25.77 -18.79 33.05
C ALA A 314 -26.59 -17.73 32.33
N ALA A 315 -26.27 -16.46 32.55
CA ALA A 315 -26.98 -15.35 31.93
C ALA A 315 -26.92 -15.35 30.40
N GLN A 316 -25.90 -15.97 29.82
CA GLN A 316 -25.78 -16.00 28.36
C GLN A 316 -25.96 -17.39 27.75
N GLY A 317 -26.54 -18.29 28.55
CA GLY A 317 -26.80 -19.63 28.11
C GLY A 317 -25.77 -20.65 28.56
N GLY A 318 -24.73 -20.17 29.22
CA GLY A 318 -23.68 -21.04 29.69
C GLY A 318 -24.06 -21.99 30.82
N ASP A 319 -23.47 -23.17 30.80
CA ASP A 319 -23.69 -24.20 31.80
C ASP A 319 -22.75 -23.92 32.98
N ALA A 320 -23.24 -23.14 33.95
CA ALA A 320 -22.46 -22.75 35.13
C ALA A 320 -21.86 -23.85 36.00
N SER A 321 -22.35 -25.10 35.87
CA SER A 321 -21.81 -26.19 36.69
C SER A 321 -20.39 -26.67 36.33
N VAL A 322 -19.81 -26.12 35.24
CA VAL A 322 -18.46 -26.51 34.82
C VAL A 322 -17.39 -25.89 35.74
N VAL A 323 -17.81 -24.96 36.60
CA VAL A 323 -16.91 -24.28 37.52
C VAL A 323 -16.44 -25.16 38.69
N ASP A 324 -17.36 -25.90 39.31
CA ASP A 324 -17.00 -26.78 40.41
C ASP A 324 -16.79 -28.20 39.91
N ASP A 325 -16.98 -28.38 38.60
CA ASP A 325 -16.81 -29.69 37.94
C ASP A 325 -16.18 -29.44 36.56
N LEU A 326 -14.87 -29.16 36.55
CA LEU A 326 -14.09 -28.89 35.35
C LEU A 326 -14.20 -29.95 34.24
N ASP A 327 -14.52 -31.19 34.61
CA ASP A 327 -14.61 -32.34 33.71
C ASP A 327 -15.77 -32.14 32.72
N LYS A 328 -16.69 -31.23 32.94
CA LYS A 328 -17.79 -31.01 32.01
C LYS A 328 -17.33 -30.20 30.81
N LEU A 329 -16.11 -29.67 30.88
CA LEU A 329 -15.55 -28.90 29.77
C LEU A 329 -14.90 -29.88 28.79
N PRO A 330 -14.96 -29.57 27.47
CA PRO A 330 -14.39 -30.41 26.41
C PRO A 330 -12.98 -30.91 26.76
N LYS A 331 -12.78 -32.22 26.69
CA LYS A 331 -11.48 -32.79 27.00
C LYS A 331 -10.81 -33.42 25.77
N ALA A 332 -9.49 -33.28 25.69
CA ALA A 332 -8.69 -33.82 24.59
C ALA A 332 -8.32 -35.27 24.89
N ALA A 333 -8.44 -36.14 23.88
CA ALA A 333 -8.13 -37.56 24.05
C ALA A 333 -6.67 -37.93 24.36
N TYR A 334 -5.71 -37.13 23.89
CA TYR A 334 -4.28 -37.42 24.10
C TYR A 334 -3.48 -36.31 24.77
N THR A 335 -2.45 -36.73 25.50
CA THR A 335 -1.51 -35.83 26.19
C THR A 335 -0.08 -36.39 26.05
N SER A 336 0.84 -35.51 25.67
CA SER A 336 2.26 -35.87 25.50
C SER A 336 3.11 -34.68 25.89
N THR A 337 4.36 -34.90 26.25
CA THR A 337 5.23 -33.80 26.66
C THR A 337 6.43 -33.49 25.76
N VAL A 338 7.03 -32.35 26.06
CA VAL A 338 8.22 -31.85 25.38
C VAL A 338 9.18 -31.69 26.54
N THR A 339 10.27 -32.47 26.53
CA THR A 339 11.26 -32.42 27.59
C THR A 339 12.50 -31.57 27.29
N ALA A 340 13.14 -31.10 28.35
CA ALA A 340 14.32 -30.27 28.24
C ALA A 340 15.53 -31.07 27.80
N ALA A 341 16.25 -30.52 26.80
CA ALA A 341 17.46 -31.15 26.26
C ALA A 341 18.52 -31.34 27.35
N ALA A 342 18.82 -30.25 28.08
CA ALA A 342 19.81 -30.31 29.13
C ALA A 342 19.52 -29.36 30.30
N ASP A 343 20.25 -29.53 31.40
CA ASP A 343 20.11 -28.71 32.60
C ASP A 343 20.39 -27.25 32.23
N GLY A 344 19.78 -26.34 32.97
CA GLY A 344 19.99 -24.93 32.69
C GLY A 344 18.86 -24.04 33.12
N TYR A 345 18.67 -22.94 32.39
CA TYR A 345 17.63 -21.96 32.67
C TYR A 345 16.96 -21.57 31.36
N VAL A 346 15.64 -21.51 31.35
CA VAL A 346 14.89 -21.10 30.15
C VAL A 346 15.25 -19.65 29.83
N ALA A 347 15.57 -19.37 28.57
CA ALA A 347 15.97 -18.03 28.14
C ALA A 347 15.02 -17.49 27.08
N GLU A 348 14.36 -18.41 26.39
CA GLU A 348 13.41 -18.05 25.36
C GLU A 348 12.27 -19.05 25.39
N MET A 349 11.08 -18.56 25.07
CA MET A 349 9.85 -19.35 25.03
C MET A 349 8.92 -18.55 24.13
N ALA A 350 9.38 -18.33 22.89
CA ALA A 350 8.70 -17.54 21.87
C ALA A 350 7.19 -17.73 21.77
N ALA A 351 6.45 -16.68 22.12
CA ALA A 351 4.99 -16.71 22.09
C ALA A 351 4.41 -16.99 20.71
N ASP A 352 4.95 -16.39 19.67
CA ASP A 352 4.45 -16.64 18.31
C ASP A 352 4.56 -18.11 17.86
N ASP A 353 5.67 -18.75 18.25
CA ASP A 353 5.87 -20.15 17.91
C ASP A 353 4.87 -21.02 18.68
N ILE A 354 4.72 -20.76 19.99
CA ILE A 354 3.76 -21.51 20.81
C ILE A 354 2.35 -21.28 20.24
N GLY A 355 2.09 -20.04 19.84
CA GLY A 355 0.79 -19.70 19.28
C GLY A 355 0.48 -20.47 18.01
N THR A 356 1.49 -20.63 17.15
CA THR A 356 1.31 -21.36 15.91
C THR A 356 1.16 -22.85 16.17
N ALA A 357 1.90 -23.36 17.15
CA ALA A 357 1.83 -24.77 17.48
C ALA A 357 0.41 -25.13 17.94
N ALA A 358 -0.19 -24.26 18.75
CA ALA A 358 -1.55 -24.49 19.27
C ALA A 358 -2.54 -24.49 18.12
N MET A 359 -2.32 -23.57 17.18
CA MET A 359 -3.17 -23.42 16.01
C MET A 359 -3.15 -24.71 15.15
N TRP A 360 -1.98 -25.31 14.98
CA TRP A 360 -1.84 -26.55 14.19
C TRP A 360 -2.54 -27.71 14.89
N LEU A 361 -2.60 -27.64 16.21
CA LEU A 361 -3.25 -28.64 17.04
C LEU A 361 -4.79 -28.60 16.86
N GLY A 362 -5.29 -27.47 16.36
CA GLY A 362 -6.71 -27.30 16.17
C GLY A 362 -7.35 -26.22 17.05
N ALA A 363 -6.53 -25.56 17.87
CA ALA A 363 -7.02 -24.52 18.77
C ALA A 363 -7.04 -23.14 18.11
N GLY A 364 -6.88 -23.10 16.80
CA GLY A 364 -6.88 -21.83 16.10
C GLY A 364 -7.22 -22.03 14.64
N ARG A 365 -7.47 -20.95 13.92
CA ARG A 365 -7.84 -21.05 12.52
C ARG A 365 -6.89 -20.28 11.61
N ALA A 366 -6.63 -20.88 10.45
CA ALA A 366 -5.76 -20.28 9.44
C ALA A 366 -6.53 -19.18 8.72
N LYS A 367 -7.80 -19.45 8.43
CA LYS A 367 -8.66 -18.47 7.78
C LYS A 367 -9.95 -18.30 8.60
N LYS A 368 -10.64 -17.18 8.39
CA LYS A 368 -11.87 -16.84 9.11
C LYS A 368 -12.97 -17.92 9.16
N GLU A 369 -13.18 -18.65 8.07
CA GLU A 369 -14.27 -19.62 7.94
C GLU A 369 -13.93 -20.92 8.67
N ASP A 370 -12.75 -21.19 9.16
CA ASP A 370 -12.39 -22.45 9.83
C ASP A 370 -12.97 -22.69 11.23
N VAL A 371 -13.31 -23.95 11.49
CA VAL A 371 -13.86 -24.38 12.78
C VAL A 371 -12.71 -24.73 13.75
N ILE A 372 -12.92 -24.47 15.03
CA ILE A 372 -11.92 -24.72 16.07
C ILE A 372 -12.26 -25.95 16.90
N ASP A 373 -11.25 -26.69 17.34
CA ASP A 373 -11.44 -27.84 18.22
C ASP A 373 -11.21 -27.22 19.60
N LEU A 374 -12.31 -26.92 20.29
CA LEU A 374 -12.28 -26.27 21.61
C LEU A 374 -11.58 -26.98 22.78
N ALA A 375 -11.25 -28.25 22.63
CA ALA A 375 -10.61 -29.01 23.70
C ALA A 375 -9.07 -29.05 23.73
N VAL A 376 -8.46 -28.90 22.56
CA VAL A 376 -7.00 -28.97 22.40
C VAL A 376 -6.18 -27.70 22.71
N GLY A 377 -4.88 -27.88 22.90
CA GLY A 377 -4.01 -26.77 23.20
C GLY A 377 -2.71 -27.19 23.86
N ILE A 378 -2.04 -26.24 24.48
CA ILE A 378 -0.76 -26.51 25.14
C ILE A 378 -0.66 -25.87 26.52
N VAL A 379 -0.18 -26.64 27.50
CA VAL A 379 -0.01 -26.15 28.86
C VAL A 379 1.49 -26.14 29.15
N LEU A 380 2.05 -24.95 29.32
CA LEU A 380 3.47 -24.82 29.62
C LEU A 380 3.71 -25.15 31.10
N HIS A 381 4.92 -25.63 31.41
CA HIS A 381 5.27 -25.99 32.79
C HIS A 381 6.40 -25.11 33.32
N LYS A 382 7.04 -24.35 32.45
CA LYS A 382 8.13 -23.46 32.83
C LYS A 382 8.03 -22.18 32.04
N LYS A 383 8.60 -21.10 32.57
CA LYS A 383 8.61 -19.80 31.91
C LYS A 383 10.05 -19.29 31.91
N ILE A 384 10.30 -18.21 31.17
CA ILE A 384 11.64 -17.61 31.08
C ILE A 384 12.23 -17.31 32.46
N GLY A 385 13.39 -17.90 32.73
CA GLY A 385 14.07 -17.68 34.00
C GLY A 385 14.09 -18.89 34.89
N ASP A 386 13.14 -19.80 34.66
CA ASP A 386 13.01 -21.01 35.46
C ASP A 386 14.14 -22.01 35.18
N ARG A 387 14.61 -22.64 36.25
CA ARG A 387 15.66 -23.63 36.15
C ARG A 387 15.05 -24.95 35.66
N VAL A 388 15.78 -25.66 34.81
CA VAL A 388 15.33 -26.93 34.27
C VAL A 388 16.40 -28.02 34.38
N GLN A 389 15.94 -29.27 34.51
CA GLN A 389 16.82 -30.44 34.59
C GLN A 389 16.65 -31.19 33.27
N LYS A 390 17.72 -31.81 32.77
CA LYS A 390 17.65 -32.57 31.52
C LYS A 390 16.61 -33.69 31.63
N GLY A 391 15.65 -33.69 30.71
CA GLY A 391 14.60 -34.70 30.73
C GLY A 391 13.33 -34.26 31.44
N GLU A 392 13.33 -33.05 32.01
CA GLU A 392 12.18 -32.50 32.71
C GLU A 392 11.20 -31.88 31.70
N ALA A 393 9.89 -32.10 31.95
CA ALA A 393 8.84 -31.58 31.06
C ALA A 393 8.76 -30.06 31.04
N LEU A 394 8.71 -29.51 29.84
CA LEU A 394 8.62 -28.06 29.66
C LEU A 394 7.25 -27.65 29.15
N ALA A 395 6.51 -28.61 28.60
CA ALA A 395 5.17 -28.36 28.07
C ALA A 395 4.41 -29.63 27.77
N THR A 396 3.09 -29.59 27.92
CA THR A 396 2.23 -30.73 27.64
C THR A 396 1.29 -30.38 26.50
N ILE A 397 1.20 -31.27 25.53
CA ILE A 397 0.35 -31.13 24.37
C ILE A 397 -0.95 -31.88 24.63
N HIS A 398 -2.08 -31.21 24.43
CA HIS A 398 -3.39 -31.81 24.59
C HIS A 398 -3.93 -31.93 23.19
N SER A 399 -4.14 -33.15 22.72
CA SER A 399 -4.60 -33.32 21.34
C SER A 399 -5.63 -34.40 21.17
N ASN A 400 -6.24 -34.41 19.99
CA ASN A 400 -7.27 -35.39 19.64
C ASN A 400 -6.79 -36.30 18.51
N ARG A 401 -5.47 -36.37 18.35
CA ARG A 401 -4.80 -37.20 17.34
C ARG A 401 -3.44 -37.58 17.94
N PRO A 402 -3.01 -38.83 17.77
CA PRO A 402 -1.72 -39.29 18.32
C PRO A 402 -0.46 -38.85 17.55
N ASP A 403 -0.63 -38.43 16.30
CA ASP A 403 0.47 -37.97 15.44
C ASP A 403 0.64 -36.45 15.53
N VAL A 404 1.49 -36.00 16.46
CA VAL A 404 1.71 -34.57 16.70
C VAL A 404 3.16 -34.09 16.61
N LEU A 405 3.95 -34.67 15.71
CA LEU A 405 5.35 -34.27 15.56
C LEU A 405 5.49 -32.85 15.03
N ASP A 406 4.57 -32.43 14.17
CA ASP A 406 4.61 -31.07 13.60
C ASP A 406 4.38 -30.02 14.70
N VAL A 407 3.67 -30.40 15.74
CA VAL A 407 3.38 -29.50 16.86
C VAL A 407 4.57 -29.52 17.81
N LYS A 408 5.01 -30.71 18.17
CA LYS A 408 6.14 -30.90 19.08
C LYS A 408 7.40 -30.18 18.56
N GLU A 409 7.58 -30.20 17.24
CA GLU A 409 8.71 -29.54 16.59
C GLU A 409 8.64 -28.01 16.69
N LYS A 410 7.43 -27.45 16.56
CA LYS A 410 7.23 -25.99 16.63
C LYS A 410 7.49 -25.49 18.05
N ILE A 411 7.13 -26.33 19.03
CA ILE A 411 7.35 -25.99 20.43
C ILE A 411 8.85 -26.02 20.74
N GLU A 412 9.54 -26.99 20.17
CA GLU A 412 10.98 -27.11 20.38
C GLU A 412 11.70 -25.94 19.73
N ALA A 413 11.12 -25.42 18.65
CA ALA A 413 11.69 -24.27 17.94
C ALA A 413 11.55 -22.96 18.73
N ALA A 414 10.64 -22.97 19.71
CA ALA A 414 10.36 -21.81 20.56
C ALA A 414 11.29 -21.65 21.76
N ILE A 415 11.81 -22.77 22.24
CA ILE A 415 12.67 -22.80 23.41
C ILE A 415 14.18 -22.66 23.17
N ARG A 416 14.85 -22.03 24.13
CA ARG A 416 16.29 -21.86 24.15
C ARG A 416 16.74 -21.84 25.60
N LEU A 417 17.60 -22.81 25.96
CA LEU A 417 18.10 -22.91 27.32
C LEU A 417 19.49 -22.27 27.44
N SER A 418 19.85 -21.90 28.66
CA SER A 418 21.12 -21.28 28.95
C SER A 418 21.72 -21.96 30.18
N PRO A 419 23.05 -22.09 30.24
CA PRO A 419 23.73 -22.73 31.38
C PRO A 419 23.83 -21.81 32.60
N GLN A 420 23.69 -20.50 32.38
CA GLN A 420 23.76 -19.51 33.45
C GLN A 420 22.39 -18.84 33.64
N PRO A 421 22.05 -18.42 34.88
CA PRO A 421 20.78 -17.77 35.23
C PRO A 421 20.36 -16.65 34.29
N VAL A 422 19.08 -16.60 33.96
CA VAL A 422 18.54 -15.61 33.03
C VAL A 422 17.67 -14.55 33.72
N ALA A 423 17.77 -13.32 33.23
CA ALA A 423 16.99 -12.20 33.75
C ALA A 423 15.57 -12.26 33.20
N ARG A 424 14.59 -12.29 34.11
CA ARG A 424 13.18 -12.36 33.74
C ARG A 424 12.65 -11.02 33.22
N PRO A 425 11.86 -11.05 32.15
CA PRO A 425 11.33 -9.79 31.61
C PRO A 425 10.25 -9.22 32.56
N PRO A 426 10.04 -7.89 32.52
CA PRO A 426 9.03 -7.25 33.39
C PRO A 426 7.63 -7.60 32.86
N LEU A 427 6.71 -7.94 33.76
CA LEU A 427 5.36 -8.26 33.36
C LEU A 427 4.70 -7.00 32.80
N ILE A 428 4.89 -5.88 33.50
CA ILE A 428 4.34 -4.60 33.07
C ILE A 428 5.50 -3.64 32.84
N TYR A 429 5.57 -3.10 31.64
CA TYR A 429 6.64 -2.18 31.28
C TYR A 429 6.38 -0.75 31.74
N GLU A 430 5.18 -0.25 31.46
CA GLU A 430 4.79 1.09 31.87
C GLU A 430 3.28 1.32 31.78
N THR A 431 2.79 2.32 32.52
CA THR A 431 1.37 2.67 32.56
C THR A 431 1.16 4.09 32.06
N ILE A 432 0.28 4.26 31.09
CA ILE A 432 -0.01 5.59 30.54
C ILE A 432 -1.41 6.04 30.94
N VAL A 433 -1.48 7.12 31.71
CA VAL A 433 -2.75 7.68 32.16
C VAL A 433 -2.96 9.12 31.64
N MET B 1 1.76 -21.52 -4.24
CA MET B 1 2.14 -20.19 -3.68
C MET B 1 0.93 -19.33 -3.39
N ARG B 2 1.13 -18.33 -2.53
CA ARG B 2 0.09 -17.37 -2.14
C ARG B 2 0.62 -15.95 -2.35
N MET B 3 -0.11 -15.13 -3.11
CA MET B 3 0.30 -13.76 -3.39
C MET B 3 0.63 -12.96 -2.14
N VAL B 4 -0.15 -13.15 -1.08
CA VAL B 4 0.06 -12.40 0.15
C VAL B 4 1.42 -12.72 0.78
N ASP B 5 1.86 -13.97 0.65
CA ASP B 5 3.16 -14.39 1.18
C ASP B 5 4.30 -13.71 0.43
N LEU B 6 4.05 -13.39 -0.85
CA LEU B 6 5.06 -12.75 -1.69
C LEU B 6 5.09 -11.24 -1.45
N ILE B 7 3.93 -10.63 -1.25
CA ILE B 7 3.89 -9.19 -0.96
C ILE B 7 4.66 -8.97 0.34
N ALA B 8 4.43 -9.85 1.32
CA ALA B 8 5.11 -9.77 2.60
C ALA B 8 6.63 -9.95 2.48
N LYS B 9 7.09 -10.80 1.56
CA LYS B 9 8.54 -11.02 1.33
C LYS B 9 9.20 -9.75 0.87
N LYS B 10 8.63 -9.15 -0.18
CA LYS B 10 9.13 -7.91 -0.75
C LYS B 10 9.00 -6.77 0.27
N ARG B 11 7.88 -6.75 0.99
CA ARG B 11 7.61 -5.74 2.02
C ARG B 11 8.73 -5.73 3.06
N ASP B 12 9.21 -6.92 3.45
CA ASP B 12 10.29 -7.04 4.43
C ASP B 12 11.71 -6.85 3.88
N GLY B 13 11.84 -6.46 2.61
CA GLY B 13 13.15 -6.23 2.02
C GLY B 13 13.87 -7.40 1.39
N LYS B 14 13.15 -8.51 1.18
CA LYS B 14 13.76 -9.69 0.58
C LYS B 14 13.57 -9.71 -0.93
N ALA B 15 14.44 -10.45 -1.60
CA ALA B 15 14.37 -10.55 -3.05
C ALA B 15 13.50 -11.73 -3.48
N LEU B 16 12.69 -11.52 -4.51
CA LEU B 16 11.83 -12.57 -5.04
C LEU B 16 12.62 -13.34 -6.09
N THR B 17 12.46 -14.66 -6.09
CA THR B 17 13.16 -15.51 -7.05
C THR B 17 12.51 -15.42 -8.41
N LYS B 18 13.25 -15.82 -9.44
CA LYS B 18 12.77 -15.82 -10.82
C LYS B 18 11.43 -16.56 -10.92
N GLU B 19 11.33 -17.67 -10.18
CA GLU B 19 10.11 -18.46 -10.18
C GLU B 19 8.89 -17.74 -9.58
N GLU B 20 9.13 -16.99 -8.50
CA GLU B 20 8.07 -16.24 -7.84
C GLU B 20 7.59 -15.09 -8.72
N ILE B 21 8.54 -14.38 -9.31
CA ILE B 21 8.24 -13.26 -10.18
C ILE B 21 7.42 -13.68 -11.40
N GLU B 22 7.78 -14.83 -11.98
CA GLU B 22 7.05 -15.31 -13.15
C GLU B 22 5.66 -15.80 -12.78
N TRP B 23 5.55 -16.44 -11.62
CA TRP B 23 4.26 -16.92 -11.12
C TRP B 23 3.31 -15.73 -10.95
N ILE B 24 3.82 -14.64 -10.39
CA ILE B 24 3.02 -13.43 -10.17
C ILE B 24 2.53 -12.82 -11.47
N VAL B 25 3.46 -12.60 -12.39
CA VAL B 25 3.13 -11.99 -13.68
C VAL B 25 2.13 -12.87 -14.44
N ARG B 26 2.31 -14.18 -14.31
CA ARG B 26 1.44 -15.16 -14.97
C ARG B 26 0.00 -15.04 -14.42
N GLY B 27 -0.13 -15.13 -13.10
CA GLY B 27 -1.43 -15.04 -12.45
C GLY B 27 -2.12 -13.71 -12.65
N TYR B 28 -1.38 -12.62 -12.59
CA TYR B 28 -1.96 -11.28 -12.76
C TYR B 28 -2.53 -11.10 -14.15
N THR B 29 -1.80 -11.58 -15.15
CA THR B 29 -2.22 -11.46 -16.55
C THR B 29 -3.45 -12.29 -16.92
N ASN B 30 -3.59 -13.49 -16.36
CA ASN B 30 -4.76 -14.31 -16.67
C ASN B 30 -5.98 -13.92 -15.83
N GLY B 31 -5.79 -12.98 -14.90
CA GLY B 31 -6.88 -12.52 -14.05
C GLY B 31 -7.09 -13.23 -12.72
N ASP B 32 -6.21 -14.16 -12.37
CA ASP B 32 -6.33 -14.90 -11.11
C ASP B 32 -5.81 -14.16 -9.89
N ILE B 33 -5.01 -13.13 -10.12
CA ILE B 33 -4.47 -12.32 -9.04
C ILE B 33 -5.14 -10.96 -9.23
N PRO B 34 -5.91 -10.49 -8.22
CA PRO B 34 -6.62 -9.21 -8.25
C PRO B 34 -5.75 -7.95 -8.18
N ASP B 35 -6.23 -6.89 -8.83
CA ASP B 35 -5.55 -5.60 -8.88
C ASP B 35 -5.09 -5.02 -7.54
N TYR B 36 -5.85 -5.27 -6.47
CA TYR B 36 -5.46 -4.71 -5.18
C TYR B 36 -4.19 -5.33 -4.58
N GLN B 37 -3.95 -6.60 -4.89
CA GLN B 37 -2.74 -7.29 -4.43
C GLN B 37 -1.53 -6.83 -5.27
N MET B 38 -1.74 -6.68 -6.56
CA MET B 38 -0.68 -6.22 -7.46
C MET B 38 -0.26 -4.77 -7.15
N SER B 39 -1.22 -3.91 -6.79
CA SER B 39 -0.90 -2.51 -6.47
C SER B 39 -0.19 -2.43 -5.11
N ALA B 40 -0.50 -3.37 -4.23
CA ALA B 40 0.13 -3.43 -2.92
C ALA B 40 1.59 -3.86 -3.12
N LEU B 41 1.79 -4.84 -4.01
CA LEU B 41 3.13 -5.34 -4.33
C LEU B 41 3.94 -4.20 -4.96
N ALA B 42 3.35 -3.53 -5.95
CA ALA B 42 4.01 -2.43 -6.62
C ALA B 42 4.48 -1.30 -5.70
N MET B 43 3.73 -1.07 -4.61
CA MET B 43 4.10 -0.02 -3.67
C MET B 43 5.23 -0.49 -2.74
N ALA B 44 5.24 -1.77 -2.43
CA ALA B 44 6.30 -2.35 -1.61
C ALA B 44 7.62 -2.31 -2.41
N ILE B 45 7.51 -2.55 -3.73
CA ILE B 45 8.66 -2.50 -4.63
C ILE B 45 9.19 -1.06 -4.68
N TYR B 46 8.28 -0.10 -4.58
CA TYR B 46 8.70 1.31 -4.59
C TYR B 46 9.63 1.64 -3.43
N PHE B 47 9.28 1.17 -2.22
CA PHE B 47 10.08 1.45 -1.02
C PHE B 47 11.27 0.53 -0.81
N ARG B 48 11.11 -0.74 -1.17
CA ARG B 48 12.18 -1.72 -0.98
C ARG B 48 13.07 -1.95 -2.19
N GLY B 49 12.51 -1.81 -3.40
CA GLY B 49 13.27 -1.98 -4.62
C GLY B 49 13.50 -3.41 -5.08
N MET B 50 14.35 -3.57 -6.10
CA MET B 50 14.71 -4.88 -6.65
C MET B 50 16.17 -4.92 -7.10
N THR B 51 16.74 -6.12 -7.20
CA THR B 51 18.12 -6.30 -7.66
C THR B 51 18.14 -6.32 -9.19
N GLU B 52 19.35 -6.19 -9.75
CA GLU B 52 19.57 -6.22 -11.19
C GLU B 52 18.91 -7.50 -11.71
N GLU B 53 19.16 -8.61 -11.00
CA GLU B 53 18.63 -9.92 -11.32
C GLU B 53 17.09 -9.98 -11.30
N GLU B 54 16.49 -9.42 -10.24
CA GLU B 54 15.03 -9.37 -10.11
C GLU B 54 14.44 -8.55 -11.25
N THR B 55 15.02 -7.39 -11.52
CA THR B 55 14.54 -6.51 -12.58
C THR B 55 14.54 -7.17 -13.95
N ALA B 56 15.59 -7.95 -14.23
CA ALA B 56 15.70 -8.64 -15.51
C ALA B 56 14.65 -9.74 -15.61
N ALA B 57 14.44 -10.47 -14.52
CA ALA B 57 13.44 -11.54 -14.48
C ALA B 57 12.02 -10.99 -14.71
N LEU B 58 11.74 -9.81 -14.15
CA LEU B 58 10.44 -9.16 -14.31
C LEU B 58 10.24 -8.80 -15.77
N THR B 59 11.26 -8.15 -16.34
CA THR B 59 11.24 -7.74 -17.75
C THR B 59 10.91 -8.93 -18.66
N MET B 60 11.63 -10.03 -18.48
CA MET B 60 11.41 -11.21 -19.31
C MET B 60 10.05 -11.86 -19.08
N ALA B 61 9.58 -11.86 -17.83
CA ALA B 61 8.28 -12.43 -17.50
C ALA B 61 7.18 -11.72 -18.30
N MET B 62 7.25 -10.39 -18.34
CA MET B 62 6.28 -9.57 -19.07
C MET B 62 6.38 -9.76 -20.58
N VAL B 63 7.59 -10.06 -21.07
CA VAL B 63 7.80 -10.31 -22.50
C VAL B 63 7.15 -11.66 -22.82
N GLN B 64 7.41 -12.64 -21.95
CA GLN B 64 6.89 -14.00 -22.08
C GLN B 64 5.37 -14.11 -21.90
N SER B 65 4.71 -13.01 -21.52
CA SER B 65 3.26 -13.02 -21.36
C SER B 65 2.62 -12.96 -22.75
N GLY B 66 3.35 -12.37 -23.70
CA GLY B 66 2.89 -12.28 -25.07
C GLY B 66 3.81 -13.04 -26.01
N GLU B 67 4.06 -12.48 -27.17
CA GLU B 67 4.95 -13.12 -28.14
C GLU B 67 5.95 -12.08 -28.69
N MET B 68 7.18 -12.52 -28.88
CA MET B 68 8.22 -11.64 -29.40
C MET B 68 8.16 -11.65 -30.93
N LEU B 69 8.15 -10.46 -31.53
CA LEU B 69 8.10 -10.33 -32.99
C LEU B 69 9.44 -10.56 -33.66
N ASP B 70 9.39 -11.13 -34.86
CA ASP B 70 10.59 -11.39 -35.65
C ASP B 70 10.53 -10.51 -36.89
N LEU B 71 11.34 -9.45 -36.89
CA LEU B 71 11.38 -8.50 -37.99
C LEU B 71 12.45 -8.78 -39.07
N SER B 72 12.84 -10.05 -39.20
CA SER B 72 13.83 -10.47 -40.20
C SER B 72 13.37 -10.10 -41.60
N SER B 73 12.12 -10.43 -41.90
CA SER B 73 11.49 -10.15 -43.19
C SER B 73 11.88 -8.76 -43.70
N ILE B 74 11.77 -7.77 -42.83
CA ILE B 74 12.12 -6.39 -43.15
C ILE B 74 13.64 -6.33 -43.25
N ARG B 75 14.15 -5.84 -44.37
CA ARG B 75 15.60 -5.77 -44.60
C ARG B 75 16.19 -4.53 -43.93
N GLY B 76 17.41 -4.68 -43.41
CA GLY B 76 18.10 -3.58 -42.76
C GLY B 76 18.01 -3.57 -41.24
N VAL B 77 18.58 -2.53 -40.65
CA VAL B 77 18.58 -2.34 -39.20
C VAL B 77 17.35 -1.53 -38.77
N LYS B 78 16.41 -2.22 -38.13
CA LYS B 78 15.17 -1.59 -37.63
C LYS B 78 15.44 -0.92 -36.28
N VAL B 79 15.00 0.33 -36.14
CA VAL B 79 15.23 1.09 -34.92
C VAL B 79 13.99 1.38 -34.07
N ASP B 80 14.21 1.44 -32.76
CA ASP B 80 13.18 1.73 -31.78
C ASP B 80 13.66 2.87 -30.90
N LYS B 81 12.72 3.55 -30.24
CA LYS B 81 13.01 4.68 -29.37
C LYS B 81 11.98 4.74 -28.24
N HIS B 82 12.38 5.21 -27.06
CA HIS B 82 11.44 5.32 -25.96
C HIS B 82 11.93 6.30 -24.91
N SER B 83 10.99 7.02 -24.32
CA SER B 83 11.28 8.01 -23.29
C SER B 83 10.90 7.43 -21.92
N THR B 84 11.56 7.91 -20.86
CA THR B 84 11.25 7.45 -19.52
C THR B 84 10.11 8.31 -18.91
N GLY B 85 9.51 9.17 -19.74
CA GLY B 85 8.42 10.02 -19.33
C GLY B 85 8.76 11.43 -18.89
N GLY B 86 7.98 12.39 -19.39
CA GLY B 86 8.19 13.78 -19.04
C GLY B 86 6.97 14.65 -19.29
N VAL B 87 7.13 15.97 -19.11
CA VAL B 87 6.03 16.92 -19.32
C VAL B 87 6.22 17.70 -20.62
N GLY B 88 5.27 17.54 -21.54
CA GLY B 88 5.35 18.22 -22.81
C GLY B 88 6.31 17.57 -23.79
N ASP B 89 6.50 16.26 -23.65
CA ASP B 89 7.40 15.51 -24.51
C ASP B 89 6.78 15.15 -25.87
N THR B 90 6.78 16.12 -26.77
CA THR B 90 6.22 15.94 -28.10
C THR B 90 7.18 15.16 -29.00
N THR B 91 8.40 14.96 -28.52
CA THR B 91 9.47 14.23 -29.22
C THR B 91 9.05 13.20 -30.26
N THR B 92 8.56 12.04 -29.84
CA THR B 92 8.14 10.98 -30.77
C THR B 92 7.29 11.39 -31.97
N LEU B 93 6.40 12.37 -31.79
CA LEU B 93 5.53 12.83 -32.87
C LEU B 93 6.31 13.46 -34.03
N VAL B 94 7.40 14.16 -33.70
CA VAL B 94 8.27 14.79 -34.69
C VAL B 94 9.32 13.77 -35.16
N LEU B 95 10.11 13.31 -34.20
CA LEU B 95 11.19 12.34 -34.40
C LEU B 95 10.82 11.04 -35.12
N GLY B 96 9.58 10.59 -34.95
CA GLY B 96 9.16 9.36 -35.61
C GLY B 96 9.18 9.51 -37.13
N PRO B 97 8.38 10.43 -37.68
CA PRO B 97 8.29 10.70 -39.12
C PRO B 97 9.55 11.33 -39.69
N LEU B 98 10.29 12.05 -38.85
CA LEU B 98 11.52 12.71 -39.24
C LEU B 98 12.55 11.72 -39.78
N VAL B 99 13.02 10.85 -38.89
CA VAL B 99 14.01 9.84 -39.25
C VAL B 99 13.50 8.85 -40.31
N ALA B 100 12.21 8.56 -40.28
CA ALA B 100 11.61 7.63 -41.24
C ALA B 100 11.62 8.20 -42.64
N SER B 101 11.72 9.52 -42.77
CA SER B 101 11.73 10.15 -44.08
C SER B 101 13.07 9.95 -44.78
N VAL B 102 14.13 9.74 -43.99
CA VAL B 102 15.47 9.54 -44.54
C VAL B 102 15.90 8.07 -44.72
N GLY B 103 14.92 7.16 -44.70
CA GLY B 103 15.20 5.75 -44.89
C GLY B 103 15.34 4.81 -43.70
N VAL B 104 15.23 5.34 -42.48
CA VAL B 104 15.33 4.52 -41.27
C VAL B 104 14.00 3.86 -40.92
N PRO B 105 13.96 2.52 -40.85
CA PRO B 105 12.75 1.75 -40.52
C PRO B 105 12.39 1.88 -39.03
N VAL B 106 11.17 2.34 -38.75
CA VAL B 106 10.72 2.54 -37.38
C VAL B 106 9.65 1.55 -36.94
N ALA B 107 9.98 0.76 -35.93
CA ALA B 107 9.07 -0.23 -35.38
C ALA B 107 8.98 0.12 -33.89
N LYS B 108 7.96 0.90 -33.54
CA LYS B 108 7.79 1.35 -32.16
C LYS B 108 6.45 1.09 -31.49
N MET B 109 6.52 0.77 -30.20
CA MET B 109 5.34 0.56 -29.37
C MET B 109 5.40 1.69 -28.35
N SER B 110 4.24 2.26 -28.04
CA SER B 110 4.16 3.34 -27.07
C SER B 110 3.07 3.06 -26.04
N GLY B 111 2.93 3.98 -25.09
CA GLY B 111 1.94 3.85 -24.05
C GLY B 111 1.10 5.11 -23.86
N ARG B 112 0.11 5.04 -22.97
CA ARG B 112 -0.75 6.17 -22.67
C ARG B 112 -0.20 7.00 -21.51
N GLY B 113 -1.00 7.93 -21.00
CA GLY B 113 -0.57 8.77 -19.89
C GLY B 113 -0.12 7.94 -18.69
N LEU B 114 0.84 8.46 -17.94
CA LEU B 114 1.36 7.74 -16.78
C LEU B 114 1.70 8.73 -15.68
N GLY B 115 0.80 8.87 -14.71
CA GLY B 115 1.01 9.81 -13.62
C GLY B 115 1.00 11.23 -14.17
N HIS B 116 1.94 12.06 -13.74
CA HIS B 116 2.01 13.44 -14.22
C HIS B 116 2.56 13.54 -15.64
N THR B 117 2.87 12.39 -16.25
CA THR B 117 3.44 12.40 -17.60
C THR B 117 2.49 11.98 -18.71
N GLY B 118 2.68 12.61 -19.87
CA GLY B 118 1.85 12.33 -21.03
C GLY B 118 2.18 11.02 -21.70
N GLY B 119 1.32 10.60 -22.63
CA GLY B 119 1.52 9.35 -23.34
C GLY B 119 1.24 9.50 -24.83
N THR B 120 2.22 9.11 -25.64
CA THR B 120 2.11 9.19 -27.10
C THR B 120 0.88 8.50 -27.68
N ILE B 121 0.43 7.43 -27.04
CA ILE B 121 -0.76 6.73 -27.53
C ILE B 121 -1.99 7.63 -27.42
N ASP B 122 -2.07 8.41 -26.33
CA ASP B 122 -3.18 9.32 -26.13
C ASP B 122 -3.06 10.51 -27.09
N LYS B 123 -1.85 11.04 -27.25
CA LYS B 123 -1.60 12.16 -28.14
C LYS B 123 -1.96 11.84 -29.58
N LEU B 124 -1.64 10.62 -29.99
CA LEU B 124 -1.94 10.18 -31.35
C LEU B 124 -3.44 9.96 -31.57
N GLU B 125 -4.18 9.68 -30.49
CA GLU B 125 -5.62 9.47 -30.61
C GLU B 125 -6.39 10.78 -30.79
N SER B 126 -5.67 11.89 -30.67
CA SER B 126 -6.23 13.22 -30.86
C SER B 126 -6.56 13.38 -32.35
N VAL B 127 -5.80 12.68 -33.19
CA VAL B 127 -5.99 12.70 -34.64
C VAL B 127 -7.18 11.81 -35.01
N PRO B 128 -8.20 12.39 -35.67
CA PRO B 128 -9.43 11.70 -36.11
C PRO B 128 -9.22 10.41 -36.90
N GLY B 129 -9.65 9.29 -36.32
CA GLY B 129 -9.54 8.01 -37.00
C GLY B 129 -8.28 7.19 -36.83
N PHE B 130 -7.23 7.78 -36.25
CA PHE B 130 -5.95 7.10 -36.05
C PHE B 130 -6.05 5.86 -35.15
N HIS B 131 -5.74 4.69 -35.72
CA HIS B 131 -5.76 3.43 -34.96
C HIS B 131 -4.42 3.23 -34.27
N VAL B 132 -4.45 2.86 -33.00
CA VAL B 132 -3.21 2.63 -32.24
C VAL B 132 -3.12 1.18 -31.80
N GLU B 133 -4.02 0.36 -32.31
CA GLU B 133 -4.00 -1.07 -31.95
C GLU B 133 -4.23 -1.93 -33.19
N ILE B 134 -3.14 -2.19 -33.89
CA ILE B 134 -3.18 -3.01 -35.11
C ILE B 134 -2.53 -4.36 -34.82
N SER B 135 -2.97 -5.41 -35.51
CA SER B 135 -2.42 -6.75 -35.30
C SER B 135 -0.92 -6.80 -35.57
N LYS B 136 -0.24 -7.77 -34.96
CA LYS B 136 1.21 -7.92 -35.12
C LYS B 136 1.56 -8.11 -36.59
N ASP B 137 0.73 -8.85 -37.32
CA ASP B 137 0.96 -9.10 -38.75
C ASP B 137 0.84 -7.81 -39.58
N GLU B 138 -0.02 -6.92 -39.15
CA GLU B 138 -0.21 -5.64 -39.85
C GLU B 138 0.91 -4.66 -39.46
N PHE B 139 1.49 -4.88 -38.28
CA PHE B 139 2.58 -4.04 -37.77
C PHE B 139 3.81 -4.30 -38.63
N ILE B 140 4.09 -5.58 -38.86
CA ILE B 140 5.23 -6.01 -39.68
C ILE B 140 5.07 -5.56 -41.13
N ARG B 141 3.85 -5.64 -41.65
CA ARG B 141 3.54 -5.28 -43.04
C ARG B 141 3.62 -3.76 -43.22
N LEU B 142 3.45 -2.99 -42.17
CA LEU B 142 3.48 -1.53 -42.22
C LEU B 142 4.90 -0.96 -42.16
N VAL B 143 5.76 -1.59 -41.38
CA VAL B 143 7.15 -1.15 -41.26
C VAL B 143 7.87 -1.45 -42.58
N ASN B 144 7.36 -2.43 -43.30
CA ASN B 144 7.92 -2.83 -44.59
C ASN B 144 7.48 -1.86 -45.69
N GLU B 145 6.17 -1.83 -45.96
CA GLU B 145 5.59 -0.98 -46.99
C GLU B 145 5.78 0.54 -46.78
N ASN B 146 5.98 0.98 -45.54
CA ASN B 146 6.14 2.40 -45.24
C ASN B 146 7.40 2.79 -44.50
N GLY B 147 7.98 1.85 -43.75
CA GLY B 147 9.19 2.15 -43.01
C GLY B 147 8.93 2.87 -41.70
N ILE B 148 7.74 2.68 -41.14
CA ILE B 148 7.36 3.31 -39.86
C ILE B 148 6.03 2.80 -39.34
N ALA B 149 5.95 2.66 -38.03
CA ALA B 149 4.75 2.21 -37.35
C ALA B 149 4.92 2.50 -35.86
N ILE B 150 3.93 3.19 -35.28
CA ILE B 150 3.90 3.53 -33.87
C ILE B 150 2.54 3.08 -33.35
N ILE B 151 2.54 2.02 -32.56
CA ILE B 151 1.32 1.45 -32.02
C ILE B 151 1.31 1.33 -30.49
N GLY B 152 0.22 0.78 -29.96
CA GLY B 152 0.07 0.60 -28.53
C GLY B 152 0.14 -0.88 -28.17
N GLN B 153 0.37 -1.17 -26.89
CA GLN B 153 0.52 -2.56 -26.47
C GLN B 153 -0.85 -3.24 -26.33
N THR B 154 -0.90 -4.45 -25.78
CA THR B 154 -2.21 -5.10 -25.58
C THR B 154 -2.72 -5.67 -26.91
N GLY B 155 -1.90 -5.66 -27.89
CA GLY B 155 -2.24 -6.27 -29.13
C GLY B 155 -1.43 -7.55 -29.25
N ASP B 156 -1.63 -8.47 -28.30
CA ASP B 156 -0.90 -9.74 -28.26
C ASP B 156 0.55 -9.54 -27.81
N LEU B 157 0.98 -8.30 -27.74
CA LEU B 157 2.33 -7.92 -27.32
C LEU B 157 2.29 -7.39 -25.90
N THR B 158 3.03 -8.05 -25.02
CA THR B 158 3.12 -7.68 -23.60
C THR B 158 1.79 -7.36 -22.89
N PRO B 159 0.90 -8.37 -22.75
CA PRO B 159 -0.40 -8.20 -22.08
C PRO B 159 -0.20 -7.77 -20.63
N ALA B 160 0.86 -8.27 -19.99
CA ALA B 160 1.17 -7.96 -18.60
C ALA B 160 1.52 -6.49 -18.40
N ASP B 161 2.32 -5.94 -19.31
CA ASP B 161 2.68 -4.53 -19.18
C ASP B 161 1.43 -3.68 -19.42
N LYS B 162 0.59 -4.10 -20.36
CA LYS B 162 -0.63 -3.35 -20.66
C LYS B 162 -1.41 -3.15 -19.37
N LYS B 163 -1.59 -4.23 -18.62
CA LYS B 163 -2.33 -4.19 -17.37
C LYS B 163 -1.60 -3.44 -16.27
N LEU B 164 -0.37 -3.85 -15.95
CA LEU B 164 0.42 -3.20 -14.89
C LEU B 164 0.66 -1.71 -15.12
N TYR B 165 0.80 -1.32 -16.38
CA TYR B 165 1.03 0.08 -16.76
C TYR B 165 -0.20 0.93 -16.39
N ALA B 166 -1.39 0.45 -16.77
CA ALA B 166 -2.66 1.13 -16.49
C ALA B 166 -2.91 1.26 -14.99
N LEU B 167 -2.52 0.23 -14.25
CA LEU B 167 -2.68 0.19 -12.80
C LEU B 167 -1.72 1.16 -12.10
N ARG B 168 -0.45 1.15 -12.50
CA ARG B 168 0.54 2.04 -11.91
C ARG B 168 0.11 3.49 -12.09
N ASP B 169 -0.38 3.80 -13.29
CA ASP B 169 -0.83 5.13 -13.66
C ASP B 169 -1.77 5.75 -12.62
N VAL B 170 -2.71 4.95 -12.10
CA VAL B 170 -3.68 5.46 -11.12
C VAL B 170 -3.52 5.01 -9.67
N THR B 171 -2.30 4.59 -9.30
CA THR B 171 -2.03 4.16 -7.94
C THR B 171 -0.75 4.77 -7.41
N ALA B 172 -0.22 5.75 -8.14
CA ALA B 172 1.01 6.43 -7.74
C ALA B 172 2.21 5.49 -7.56
N THR B 173 2.32 4.46 -8.39
CA THR B 173 3.44 3.52 -8.32
C THR B 173 4.22 3.55 -9.65
N VAL B 174 4.30 4.74 -10.24
CA VAL B 174 4.97 4.94 -11.51
C VAL B 174 6.50 5.19 -11.45
N ASN B 175 6.94 5.87 -10.39
CA ASN B 175 8.34 6.25 -10.20
C ASN B 175 9.27 5.28 -9.48
N SER B 176 9.32 4.04 -9.94
CA SER B 176 10.20 3.04 -9.35
C SER B 176 11.12 2.57 -10.48
N ILE B 177 12.43 2.64 -10.25
CA ILE B 177 13.41 2.23 -11.26
C ILE B 177 13.12 0.83 -11.86
N PRO B 178 12.87 -0.19 -11.01
CA PRO B 178 12.59 -1.52 -11.57
C PRO B 178 11.28 -1.67 -12.35
N LEU B 179 10.28 -0.85 -12.01
CA LEU B 179 8.99 -0.92 -12.72
C LEU B 179 9.07 -0.15 -14.04
N ILE B 180 9.82 0.94 -14.06
CA ILE B 180 10.03 1.75 -15.26
C ILE B 180 10.89 0.96 -16.26
N ALA B 181 12.03 0.47 -15.79
CA ALA B 181 12.96 -0.28 -16.62
C ALA B 181 12.30 -1.47 -17.28
N SER B 182 11.66 -2.31 -16.46
CA SER B 182 10.99 -3.51 -16.97
C SER B 182 9.85 -3.19 -17.91
N SER B 183 9.15 -2.09 -17.66
CA SER B 183 8.03 -1.68 -18.50
C SER B 183 8.55 -1.32 -19.90
N ILE B 184 9.48 -0.38 -19.95
CA ILE B 184 10.04 0.06 -21.22
C ILE B 184 10.76 -1.05 -21.98
N MET B 185 11.70 -1.72 -21.32
CA MET B 185 12.47 -2.79 -21.98
C MET B 185 11.66 -3.97 -22.48
N SER B 186 10.61 -4.35 -21.75
CA SER B 186 9.77 -5.46 -22.17
C SER B 186 9.11 -5.12 -23.51
N LYS B 187 8.79 -3.84 -23.72
CA LYS B 187 8.17 -3.41 -24.97
C LYS B 187 9.21 -3.44 -26.10
N LYS B 188 10.39 -2.90 -25.84
CA LYS B 188 11.46 -2.85 -26.83
C LYS B 188 11.86 -4.25 -27.28
N ILE B 189 11.90 -5.18 -26.34
CA ILE B 189 12.26 -6.57 -26.64
C ILE B 189 11.18 -7.25 -27.47
N ALA B 190 9.93 -7.16 -27.01
CA ALA B 190 8.82 -7.80 -27.72
C ALA B 190 8.59 -7.21 -29.11
N ALA B 191 8.92 -5.94 -29.28
CA ALA B 191 8.76 -5.25 -30.55
C ALA B 191 9.59 -5.91 -31.66
N GLY B 192 10.84 -6.24 -31.33
CA GLY B 192 11.74 -6.90 -32.27
C GLY B 192 12.77 -6.06 -33.03
N ALA B 193 12.88 -4.77 -32.71
CA ALA B 193 13.85 -3.92 -33.40
C ALA B 193 15.28 -4.24 -32.98
N ASP B 194 16.23 -3.91 -33.85
CA ASP B 194 17.65 -4.17 -33.60
C ASP B 194 18.33 -3.11 -32.74
N ALA B 195 18.04 -1.84 -33.02
CA ALA B 195 18.63 -0.73 -32.27
C ALA B 195 17.59 -0.08 -31.37
N ILE B 196 18.05 0.45 -30.23
CA ILE B 196 17.16 1.11 -29.27
C ILE B 196 17.80 2.37 -28.71
N VAL B 197 17.19 3.52 -28.98
CA VAL B 197 17.67 4.80 -28.47
C VAL B 197 16.71 5.24 -27.36
N LEU B 198 17.22 5.33 -26.13
CA LEU B 198 16.41 5.72 -24.98
C LEU B 198 16.63 7.17 -24.56
N ASP B 199 15.54 7.86 -24.23
CA ASP B 199 15.63 9.25 -23.78
C ASP B 199 15.27 9.33 -22.30
N VAL B 200 16.31 9.29 -21.46
CA VAL B 200 16.14 9.33 -20.02
C VAL B 200 16.06 10.77 -19.50
N LYS B 201 14.89 11.13 -18.97
CA LYS B 201 14.66 12.47 -18.44
C LYS B 201 15.18 12.64 -17.02
N THR B 202 15.70 13.83 -16.73
CA THR B 202 16.20 14.14 -15.40
C THR B 202 15.69 15.53 -14.99
N GLY B 203 15.31 15.66 -13.72
CA GLY B 203 14.81 16.94 -13.22
C GLY B 203 13.41 16.83 -12.63
N ALA B 204 12.87 17.98 -12.22
CA ALA B 204 11.54 18.09 -11.62
C ALA B 204 10.41 17.40 -12.39
N GLY B 205 10.36 17.63 -13.70
CA GLY B 205 9.31 17.04 -14.52
C GLY B 205 9.46 15.58 -14.89
N ALA B 206 10.44 14.91 -14.29
CA ALA B 206 10.70 13.50 -14.57
C ALA B 206 10.54 12.67 -13.30
N PHE B 207 10.51 11.36 -13.44
CA PHE B 207 10.44 10.46 -12.29
C PHE B 207 11.79 10.43 -11.56
N MET B 208 12.88 10.60 -12.33
CA MET B 208 14.25 10.63 -11.79
C MET B 208 14.57 12.10 -11.54
N LYS B 209 14.52 12.51 -10.28
CA LYS B 209 14.77 13.90 -9.92
C LYS B 209 16.22 14.36 -10.03
N LYS B 210 17.15 13.51 -9.59
CA LYS B 210 18.57 13.83 -9.66
C LYS B 210 19.30 13.07 -10.76
N LEU B 211 20.36 13.70 -11.28
CA LEU B 211 21.19 13.14 -12.36
C LEU B 211 21.69 11.73 -12.01
N ASP B 212 22.17 11.54 -10.79
CA ASP B 212 22.65 10.23 -10.35
C ASP B 212 21.57 9.16 -10.50
N GLU B 213 20.32 9.51 -10.18
CA GLU B 213 19.20 8.57 -10.28
C GLU B 213 18.97 8.23 -11.76
N ALA B 214 19.03 9.25 -12.61
CA ALA B 214 18.83 9.08 -14.04
C ALA B 214 19.92 8.24 -14.69
N ARG B 215 21.16 8.45 -14.26
CA ARG B 215 22.32 7.72 -14.78
C ARG B 215 22.17 6.25 -14.42
N ARG B 216 21.66 6.01 -13.21
CA ARG B 216 21.46 4.66 -12.70
C ARG B 216 20.39 3.91 -13.49
N LEU B 217 19.34 4.61 -13.88
CA LEU B 217 18.26 3.99 -14.64
C LEU B 217 18.70 3.72 -16.08
N ALA B 218 19.51 4.62 -16.64
CA ALA B 218 20.00 4.47 -18.02
C ALA B 218 20.89 3.23 -18.09
N ARG B 219 21.75 3.08 -17.08
CA ARG B 219 22.66 1.95 -16.98
C ARG B 219 21.89 0.63 -16.92
N VAL B 220 20.87 0.57 -16.06
CA VAL B 220 20.08 -0.65 -15.90
C VAL B 220 19.42 -1.07 -17.21
N MET B 221 18.88 -0.10 -17.93
CA MET B 221 18.19 -0.39 -19.18
C MET B 221 19.12 -0.73 -20.33
N VAL B 222 20.23 0.00 -20.45
CA VAL B 222 21.21 -0.24 -21.52
C VAL B 222 21.83 -1.64 -21.38
N ASP B 223 22.07 -2.06 -20.14
CA ASP B 223 22.64 -3.36 -19.87
C ASP B 223 21.65 -4.48 -20.13
N ILE B 224 20.37 -4.20 -19.91
CA ILE B 224 19.31 -5.20 -20.15
C ILE B 224 19.16 -5.44 -21.65
N GLY B 225 19.24 -4.37 -22.45
CA GLY B 225 19.12 -4.49 -23.89
C GLY B 225 20.30 -5.20 -24.53
N LYS B 226 21.51 -4.84 -24.08
CA LYS B 226 22.72 -5.46 -24.61
C LYS B 226 22.72 -6.95 -24.30
N ARG B 227 22.29 -7.30 -23.10
CA ARG B 227 22.26 -8.69 -22.62
C ARG B 227 21.43 -9.56 -23.57
N VAL B 228 20.53 -8.99 -24.35
CA VAL B 228 19.71 -9.78 -25.27
C VAL B 228 20.03 -9.49 -26.75
N GLY B 229 21.26 -9.05 -27.00
CA GLY B 229 21.71 -8.76 -28.35
C GLY B 229 21.14 -7.56 -29.09
N ARG B 230 20.86 -6.48 -28.38
CA ARG B 230 20.31 -5.29 -29.01
C ARG B 230 21.31 -4.14 -28.92
N ARG B 231 21.38 -3.33 -29.97
CA ARG B 231 22.26 -2.16 -29.98
C ARG B 231 21.51 -1.12 -29.13
N THR B 232 21.77 -1.13 -27.83
CA THR B 232 21.10 -0.20 -26.91
C THR B 232 21.97 0.93 -26.37
N MET B 233 21.48 2.16 -26.54
CA MET B 233 22.16 3.35 -26.04
C MET B 233 21.11 4.27 -25.41
N ALA B 234 21.56 5.19 -24.57
CA ALA B 234 20.65 6.12 -23.91
C ALA B 234 21.22 7.53 -23.83
N VAL B 235 20.33 8.52 -23.86
CA VAL B 235 20.71 9.92 -23.76
C VAL B 235 19.95 10.52 -22.56
N ILE B 236 20.65 11.27 -21.73
CA ILE B 236 20.04 11.89 -20.56
C ILE B 236 19.74 13.37 -20.81
N SER B 237 18.49 13.66 -21.18
CA SER B 237 18.07 15.04 -21.45
C SER B 237 17.38 15.70 -20.26
N ASP B 238 17.23 17.03 -20.34
CA ASP B 238 16.63 17.82 -19.27
C ASP B 238 15.10 17.89 -19.28
N MET B 239 14.54 17.86 -18.07
CA MET B 239 13.10 17.92 -17.88
C MET B 239 12.81 18.72 -16.60
N SER B 240 13.63 19.74 -16.34
CA SER B 240 13.45 20.59 -15.17
C SER B 240 12.41 21.68 -15.47
N GLN B 241 11.74 21.51 -16.60
CA GLN B 241 10.67 22.39 -17.07
C GLN B 241 10.09 21.66 -18.28
N PRO B 242 8.85 21.98 -18.66
CA PRO B 242 8.26 21.29 -19.82
C PRO B 242 9.06 21.49 -21.09
N LEU B 243 8.91 20.55 -22.03
CA LEU B 243 9.60 20.62 -23.31
C LEU B 243 8.72 21.40 -24.27
N GLY B 244 9.29 22.47 -24.83
CA GLY B 244 8.53 23.30 -25.74
C GLY B 244 7.59 24.19 -24.95
N TYR B 245 6.37 24.36 -25.46
CA TYR B 245 5.36 25.19 -24.79
C TYR B 245 4.11 24.40 -24.45
N ALA B 246 3.56 23.69 -25.44
CA ALA B 246 2.36 22.89 -25.27
C ALA B 246 2.54 21.75 -24.27
N VAL B 247 1.42 21.37 -23.65
CA VAL B 247 1.35 20.28 -22.67
C VAL B 247 -0.05 19.71 -22.77
N GLY B 248 -0.19 18.53 -23.36
CA GLY B 248 -1.50 17.94 -23.49
C GLY B 248 -1.51 16.86 -24.54
N ASN B 249 -2.53 16.86 -25.39
CA ASN B 249 -2.63 15.88 -26.46
C ASN B 249 -2.76 16.58 -27.82
N ALA B 250 -3.95 17.10 -28.11
CA ALA B 250 -4.17 17.81 -29.38
C ALA B 250 -3.30 19.07 -29.46
N LEU B 251 -2.99 19.65 -28.30
CA LEU B 251 -2.15 20.83 -28.24
C LEU B 251 -0.68 20.53 -28.58
N GLU B 252 -0.25 19.30 -28.30
CA GLU B 252 1.12 18.88 -28.58
C GLU B 252 1.28 18.46 -30.04
N VAL B 253 0.24 17.85 -30.60
CA VAL B 253 0.23 17.43 -31.99
C VAL B 253 0.43 18.66 -32.89
N LYS B 254 -0.21 19.77 -32.53
CA LYS B 254 -0.11 21.03 -33.27
C LYS B 254 1.31 21.57 -33.17
N GLU B 255 1.99 21.23 -32.08
CA GLU B 255 3.37 21.66 -31.88
C GLU B 255 4.27 20.79 -32.76
N ALA B 256 3.89 19.52 -32.90
CA ALA B 256 4.63 18.57 -33.72
C ALA B 256 4.64 19.04 -35.17
N ILE B 257 3.46 19.33 -35.69
CA ILE B 257 3.28 19.81 -37.06
C ILE B 257 4.05 21.11 -37.31
N GLU B 258 4.03 22.00 -36.34
CA GLU B 258 4.73 23.28 -36.47
C GLU B 258 6.25 23.10 -36.45
N THR B 259 6.72 22.11 -35.69
CA THR B 259 8.15 21.83 -35.57
C THR B 259 8.66 21.13 -36.83
N LEU B 260 7.87 20.19 -37.33
CA LEU B 260 8.20 19.44 -38.54
C LEU B 260 8.31 20.34 -39.76
N LYS B 261 7.87 21.58 -39.61
CA LYS B 261 7.91 22.57 -40.68
C LYS B 261 9.02 23.57 -40.42
N GLY B 262 9.79 23.36 -39.36
CA GLY B 262 10.88 24.24 -39.02
C GLY B 262 10.48 25.51 -38.29
N ASN B 263 9.26 25.54 -37.80
CA ASN B 263 8.76 26.70 -37.08
C ASN B 263 8.65 26.45 -35.58
N GLY B 264 8.84 25.19 -35.19
CA GLY B 264 8.75 24.81 -33.78
C GLY B 264 9.75 25.42 -32.81
N PRO B 265 9.63 25.08 -31.52
CA PRO B 265 10.50 25.53 -30.42
C PRO B 265 11.95 25.09 -30.61
N HIS B 266 12.90 25.91 -30.15
CA HIS B 266 14.31 25.56 -30.31
C HIS B 266 14.73 24.31 -29.53
N ASP B 267 14.33 24.24 -28.26
CA ASP B 267 14.66 23.11 -27.39
C ASP B 267 14.08 21.79 -27.85
N LEU B 268 12.89 21.83 -28.46
CA LEU B 268 12.26 20.61 -28.96
C LEU B 268 12.90 20.17 -30.26
N THR B 269 13.13 21.12 -31.17
CA THR B 269 13.75 20.85 -32.47
C THR B 269 15.13 20.25 -32.24
N GLU B 270 15.90 20.91 -31.39
CA GLU B 270 17.24 20.51 -31.01
C GLU B 270 17.27 19.06 -30.52
N LEU B 271 16.43 18.73 -29.54
CA LEU B 271 16.34 17.39 -28.98
C LEU B 271 16.01 16.32 -30.01
N CYS B 272 15.12 16.65 -30.94
CA CYS B 272 14.76 15.68 -31.97
C CYS B 272 15.90 15.43 -32.95
N LEU B 273 16.76 16.44 -33.13
CA LEU B 273 17.91 16.32 -34.03
C LEU B 273 19.00 15.49 -33.35
N THR B 274 19.15 15.67 -32.04
CA THR B 274 20.15 14.94 -31.27
C THR B 274 19.83 13.45 -31.25
N LEU B 275 18.61 13.12 -30.85
CA LEU B 275 18.15 11.74 -30.78
C LEU B 275 17.97 11.12 -32.15
N GLY B 276 17.51 11.94 -33.09
CA GLY B 276 17.28 11.46 -34.45
C GLY B 276 18.54 11.04 -35.16
N SER B 277 19.61 11.81 -35.00
CA SER B 277 20.88 11.49 -35.64
C SER B 277 21.42 10.16 -35.10
N HIS B 278 21.23 9.91 -33.80
CA HIS B 278 21.67 8.65 -33.18
C HIS B 278 20.93 7.47 -33.79
N MET B 279 19.66 7.67 -34.14
CA MET B 279 18.84 6.63 -34.74
C MET B 279 19.28 6.30 -36.17
N VAL B 280 19.68 7.33 -36.90
CA VAL B 280 20.15 7.16 -38.28
C VAL B 280 21.55 6.51 -38.30
N TYR B 281 22.41 6.93 -37.38
CA TYR B 281 23.76 6.39 -37.26
C TYR B 281 23.72 4.90 -36.91
N LEU B 282 22.93 4.55 -35.89
CA LEU B 282 22.79 3.15 -35.47
C LEU B 282 22.14 2.31 -36.56
N ALA B 283 21.40 2.96 -37.45
CA ALA B 283 20.74 2.27 -38.55
C ALA B 283 21.68 2.19 -39.76
N GLU B 284 22.83 2.87 -39.65
CA GLU B 284 23.83 2.89 -40.71
C GLU B 284 23.37 3.62 -41.98
N LYS B 285 22.48 4.59 -41.82
CA LYS B 285 21.98 5.35 -42.96
C LYS B 285 22.77 6.65 -43.12
N ALA B 286 23.83 6.78 -42.32
CA ALA B 286 24.70 7.94 -42.38
C ALA B 286 26.12 7.60 -41.92
N PRO B 287 27.13 8.23 -42.54
CA PRO B 287 28.54 8.00 -42.21
C PRO B 287 28.95 8.42 -40.79
N SER B 288 28.36 9.50 -40.29
CA SER B 288 28.65 9.99 -38.95
C SER B 288 27.41 10.67 -38.37
N LEU B 289 27.52 11.16 -37.12
CA LEU B 289 26.40 11.83 -36.47
C LEU B 289 26.09 13.18 -37.12
N ASP B 290 27.14 13.97 -37.37
CA ASP B 290 26.97 15.28 -37.99
C ASP B 290 26.34 15.13 -39.37
N GLU B 291 26.79 14.14 -40.12
CA GLU B 291 26.23 13.92 -41.46
C GLU B 291 24.78 13.50 -41.29
N ALA B 292 24.50 12.70 -40.25
CA ALA B 292 23.14 12.24 -39.97
C ALA B 292 22.26 13.41 -39.54
N ARG B 293 22.83 14.32 -38.76
CA ARG B 293 22.14 15.51 -38.27
C ARG B 293 21.76 16.42 -39.44
N ARG B 294 22.76 16.74 -40.27
CA ARG B 294 22.55 17.60 -41.44
C ARG B 294 21.61 16.91 -42.44
N LEU B 295 21.52 15.58 -42.37
CA LEU B 295 20.64 14.84 -43.26
C LEU B 295 19.19 15.00 -42.78
N LEU B 296 19.03 15.25 -41.48
CA LEU B 296 17.72 15.44 -40.88
C LEU B 296 17.23 16.87 -41.10
N GLU B 297 18.11 17.84 -40.84
CA GLU B 297 17.78 19.26 -41.04
C GLU B 297 17.36 19.52 -42.49
N GLU B 298 17.88 18.71 -43.41
CA GLU B 298 17.59 18.82 -44.85
C GLU B 298 16.19 18.27 -45.16
N ALA B 299 15.79 17.21 -44.45
CA ALA B 299 14.48 16.59 -44.64
C ALA B 299 13.36 17.52 -44.16
N ILE B 300 13.71 18.43 -43.25
CA ILE B 300 12.76 19.39 -42.71
C ILE B 300 12.54 20.50 -43.74
N ARG B 301 13.61 21.14 -44.17
CA ARG B 301 13.58 22.26 -45.12
C ARG B 301 13.00 21.80 -46.46
N SER B 302 13.26 20.58 -46.87
CA SER B 302 12.78 20.05 -48.15
C SER B 302 11.29 19.68 -48.10
N GLY B 303 10.76 19.56 -46.89
CA GLY B 303 9.36 19.21 -46.70
C GLY B 303 9.07 17.71 -46.79
N ALA B 304 10.13 16.89 -46.72
CA ALA B 304 9.97 15.43 -46.79
C ALA B 304 9.56 14.89 -45.43
N ALA B 305 9.92 15.62 -44.37
CA ALA B 305 9.59 15.26 -42.99
C ALA B 305 8.09 15.42 -42.74
N ILE B 306 7.54 16.58 -43.13
CA ILE B 306 6.11 16.84 -42.96
C ILE B 306 5.29 15.93 -43.88
N ALA B 307 5.80 15.68 -45.08
CA ALA B 307 5.12 14.81 -46.04
C ALA B 307 5.13 13.38 -45.50
N ALA B 308 6.16 13.07 -44.72
CA ALA B 308 6.31 11.74 -44.10
C ALA B 308 5.34 11.64 -42.94
N PHE B 309 5.04 12.78 -42.32
CA PHE B 309 4.11 12.85 -41.20
C PHE B 309 2.69 12.53 -41.68
N LYS B 310 2.30 13.14 -42.79
CA LYS B 310 0.96 12.94 -43.36
C LYS B 310 0.74 11.48 -43.78
N THR B 311 1.77 10.86 -44.35
CA THR B 311 1.71 9.48 -44.81
C THR B 311 1.59 8.55 -43.61
N PHE B 312 2.29 8.90 -42.54
CA PHE B 312 2.27 8.14 -41.29
C PHE B 312 0.83 8.06 -40.76
N LEU B 313 0.19 9.22 -40.65
CA LEU B 313 -1.18 9.32 -40.15
C LEU B 313 -2.19 8.50 -40.97
N ALA B 314 -2.20 8.74 -42.27
CA ALA B 314 -3.12 8.05 -43.19
C ALA B 314 -2.96 6.53 -43.21
N ALA B 315 -1.73 6.07 -43.01
CA ALA B 315 -1.40 4.64 -43.01
C ALA B 315 -2.17 3.88 -41.94
N GLN B 316 -2.37 4.53 -40.79
CA GLN B 316 -3.09 3.90 -39.69
C GLN B 316 -4.48 4.51 -39.46
N GLY B 317 -5.18 4.80 -40.57
CA GLY B 317 -6.53 5.34 -40.50
C GLY B 317 -6.69 6.83 -40.23
N GLY B 318 -5.63 7.48 -39.79
CA GLY B 318 -5.68 8.90 -39.49
C GLY B 318 -6.11 9.81 -40.63
N ASP B 319 -6.42 11.04 -40.29
CA ASP B 319 -6.84 12.05 -41.27
C ASP B 319 -5.65 12.96 -41.52
N ALA B 320 -5.08 12.85 -42.70
CA ALA B 320 -3.92 13.64 -43.10
C ALA B 320 -4.19 15.14 -43.20
N SER B 321 -5.41 15.50 -43.58
CA SER B 321 -5.80 16.91 -43.75
C SER B 321 -5.72 17.78 -42.49
N VAL B 322 -5.52 17.13 -41.35
CA VAL B 322 -5.40 17.82 -40.06
C VAL B 322 -4.21 18.78 -40.02
N VAL B 323 -3.26 18.56 -40.93
CA VAL B 323 -2.06 19.38 -41.01
C VAL B 323 -2.27 20.65 -41.84
N ASP B 324 -3.21 20.54 -42.33
CA ASP B 324 -3.42 21.70 -43.20
C ASP B 324 -4.21 22.78 -42.46
N ASP B 325 -4.98 22.55 -41.87
CA ASP B 325 -6.09 23.06 -41.05
C ASP B 325 -6.05 22.41 -39.65
N LEU B 326 -5.44 23.10 -38.69
CA LEU B 326 -5.36 22.62 -37.31
C LEU B 326 -6.73 22.68 -36.62
N ASP B 327 -7.70 23.27 -37.30
CA ASP B 327 -9.07 23.44 -36.80
C ASP B 327 -9.81 22.10 -36.79
N LYS B 328 -9.31 21.08 -37.48
CA LYS B 328 -9.95 19.77 -37.50
C LYS B 328 -9.59 18.97 -36.23
N LEU B 329 -8.64 19.51 -35.47
CA LEU B 329 -8.17 18.91 -34.22
C LEU B 329 -9.01 19.41 -33.05
N PRO B 330 -9.33 18.51 -32.09
CA PRO B 330 -10.12 18.81 -30.90
C PRO B 330 -9.71 20.09 -30.15
N LYS B 331 -10.67 21.02 -29.99
CA LYS B 331 -10.40 22.31 -29.34
C LYS B 331 -11.20 22.42 -28.05
N ALA B 332 -10.60 23.14 -27.08
CA ALA B 332 -11.19 23.38 -25.77
C ALA B 332 -12.10 24.61 -25.80
N ALA B 333 -13.28 24.47 -25.18
CA ALA B 333 -14.28 25.55 -25.13
C ALA B 333 -13.86 26.79 -24.34
N TYR B 334 -12.92 26.63 -23.41
CA TYR B 334 -12.49 27.76 -22.58
C TYR B 334 -11.00 28.08 -22.69
N THR B 335 -10.68 29.34 -22.44
CA THR B 335 -9.33 29.86 -22.48
C THR B 335 -9.14 30.79 -21.29
N SER B 336 -8.08 30.57 -20.52
CA SER B 336 -7.80 31.38 -19.34
C SER B 336 -6.30 31.65 -19.31
N THR B 337 -5.87 32.70 -18.63
CA THR B 337 -4.45 33.00 -18.57
C THR B 337 -3.92 33.13 -17.15
N VAL B 338 -2.68 32.69 -16.97
CA VAL B 338 -2.01 32.78 -15.68
C VAL B 338 -1.02 33.92 -15.89
N THR B 339 -0.96 34.86 -14.95
CA THR B 339 -0.06 36.00 -15.08
C THR B 339 0.95 36.14 -13.94
N ALA B 340 1.96 36.99 -14.16
CA ALA B 340 3.02 37.24 -13.20
C ALA B 340 2.67 38.24 -12.11
N ALA B 341 2.95 37.85 -10.86
CA ALA B 341 2.68 38.67 -9.69
C ALA B 341 3.60 39.88 -9.57
N ALA B 342 4.77 39.80 -10.19
CA ALA B 342 5.77 40.87 -10.16
C ALA B 342 6.78 40.70 -11.28
N ASP B 343 7.58 41.74 -11.53
CA ASP B 343 8.60 41.72 -12.58
C ASP B 343 9.80 40.92 -12.07
N GLY B 344 10.49 40.24 -13.01
CA GLY B 344 11.65 39.44 -12.65
C GLY B 344 12.07 38.43 -13.70
N TYR B 345 12.79 37.40 -13.27
CA TYR B 345 13.28 36.36 -14.17
C TYR B 345 12.83 34.99 -13.70
N VAL B 346 12.34 34.17 -14.64
CA VAL B 346 11.89 32.83 -14.31
C VAL B 346 13.09 32.01 -13.83
N ALA B 347 13.21 31.85 -12.52
CA ALA B 347 14.32 31.10 -11.92
C ALA B 347 14.15 29.59 -12.02
N GLU B 348 13.14 29.06 -11.32
CA GLU B 348 12.89 27.61 -11.31
C GLU B 348 11.50 27.34 -11.89
N MET B 349 11.07 26.07 -11.78
CA MET B 349 9.77 25.65 -12.27
C MET B 349 9.50 24.20 -11.86
N ALA B 350 8.41 23.99 -11.12
CA ALA B 350 8.02 22.64 -10.69
C ALA B 350 7.24 21.99 -11.83
N ALA B 351 7.98 21.49 -12.82
CA ALA B 351 7.41 20.87 -14.02
C ALA B 351 6.42 19.72 -13.79
N ASP B 352 6.62 18.96 -12.73
CA ASP B 352 5.70 17.86 -12.41
C ASP B 352 4.32 18.42 -12.04
N ASP B 353 4.31 19.53 -11.30
CA ASP B 353 3.08 20.19 -10.89
C ASP B 353 2.32 20.78 -12.09
N ILE B 354 3.06 21.22 -13.11
CA ILE B 354 2.44 21.76 -14.33
C ILE B 354 1.83 20.60 -15.12
N GLY B 355 2.45 19.43 -15.02
CA GLY B 355 1.95 18.25 -15.70
C GLY B 355 0.72 17.70 -14.98
N THR B 356 0.72 17.79 -13.65
CA THR B 356 -0.42 17.32 -12.87
C THR B 356 -1.62 18.21 -13.14
N ALA B 357 -1.39 19.52 -13.19
CA ALA B 357 -2.46 20.48 -13.47
C ALA B 357 -3.14 20.17 -14.80
N ALA B 358 -2.36 19.83 -15.81
CA ALA B 358 -2.92 19.49 -17.11
C ALA B 358 -3.79 18.23 -16.98
N MET B 359 -3.34 17.29 -16.14
CA MET B 359 -4.07 16.05 -15.93
C MET B 359 -5.37 16.33 -15.15
N TRP B 360 -5.35 17.36 -14.30
CA TRP B 360 -6.53 17.77 -13.55
C TRP B 360 -7.60 18.28 -14.50
N LEU B 361 -7.18 18.95 -15.59
CA LEU B 361 -8.10 19.49 -16.58
C LEU B 361 -8.79 18.41 -17.39
N GLY B 362 -8.33 17.17 -17.24
CA GLY B 362 -8.93 16.06 -17.97
C GLY B 362 -8.02 15.40 -18.99
N ALA B 363 -6.75 15.78 -19.01
CA ALA B 363 -5.77 15.20 -19.93
C ALA B 363 -5.31 13.80 -19.51
N GLY B 364 -5.60 13.43 -18.26
CA GLY B 364 -5.23 12.13 -17.75
C GLY B 364 -6.35 11.49 -16.95
N ARG B 365 -6.18 10.21 -16.61
CA ARG B 365 -7.19 9.44 -15.85
C ARG B 365 -7.01 9.51 -14.33
N ALA B 366 -8.13 9.43 -13.61
CA ALA B 366 -8.13 9.44 -12.14
C ALA B 366 -8.33 8.00 -11.66
N LYS B 367 -9.01 7.20 -12.48
CA LYS B 367 -9.28 5.79 -12.20
C LYS B 367 -9.03 5.04 -13.52
N LYS B 368 -8.93 3.73 -13.46
CA LYS B 368 -8.68 2.92 -14.67
C LYS B 368 -9.66 3.10 -15.83
N GLU B 369 -10.97 3.03 -15.56
CA GLU B 369 -12.01 3.07 -16.60
C GLU B 369 -12.24 4.52 -17.06
N ASP B 370 -11.56 5.52 -16.59
CA ASP B 370 -11.77 6.91 -17.00
C ASP B 370 -11.64 7.20 -18.49
N VAL B 371 -12.43 8.16 -18.96
CA VAL B 371 -12.42 8.62 -20.35
C VAL B 371 -11.80 10.00 -20.30
N ILE B 372 -10.77 10.23 -21.10
CA ILE B 372 -10.08 11.52 -21.09
C ILE B 372 -10.54 12.53 -22.15
N ASP B 373 -10.12 13.78 -21.96
CA ASP B 373 -10.45 14.87 -22.87
C ASP B 373 -9.17 15.25 -23.61
N LEU B 374 -9.13 14.96 -24.91
CA LEU B 374 -7.95 15.24 -25.74
C LEU B 374 -7.71 16.69 -26.13
N ALA B 375 -8.66 17.58 -25.81
CA ALA B 375 -8.54 18.99 -26.17
C ALA B 375 -7.93 19.92 -25.12
N VAL B 376 -7.99 19.50 -23.86
CA VAL B 376 -7.47 20.33 -22.77
C VAL B 376 -5.97 20.26 -22.58
N GLY B 377 -5.43 21.24 -21.86
CA GLY B 377 -4.02 21.29 -21.57
C GLY B 377 -3.56 22.66 -21.14
N ILE B 378 -2.26 22.89 -21.24
CA ILE B 378 -1.62 24.16 -20.88
C ILE B 378 -0.59 24.54 -21.95
N VAL B 379 -0.41 25.85 -22.19
CA VAL B 379 0.56 26.35 -23.16
C VAL B 379 1.41 27.45 -22.50
N LEU B 380 2.66 27.14 -22.19
CA LEU B 380 3.55 28.11 -21.58
C LEU B 380 3.94 29.21 -22.57
N HIS B 381 4.37 30.35 -22.04
CA HIS B 381 4.79 31.48 -22.88
C HIS B 381 6.15 31.98 -22.43
N LYS B 382 6.53 31.57 -21.23
CA LYS B 382 7.82 31.96 -20.63
C LYS B 382 8.54 30.74 -20.08
N LYS B 383 9.86 30.72 -20.24
CA LYS B 383 10.70 29.62 -19.76
C LYS B 383 11.81 30.13 -18.86
N ILE B 384 12.59 29.22 -18.29
CA ILE B 384 13.67 29.60 -17.40
C ILE B 384 14.67 30.51 -18.11
N GLY B 385 14.95 31.64 -17.48
CA GLY B 385 15.88 32.59 -18.07
C GLY B 385 15.17 33.85 -18.54
N ASP B 386 14.01 33.68 -19.16
CA ASP B 386 13.20 34.79 -19.67
C ASP B 386 12.87 35.86 -18.61
N ARG B 387 12.80 37.12 -19.04
CA ARG B 387 12.47 38.22 -18.15
C ARG B 387 10.96 38.47 -18.27
N VAL B 388 10.31 38.73 -17.14
CA VAL B 388 8.87 38.98 -17.13
C VAL B 388 8.51 40.23 -16.32
N GLN B 389 7.34 40.78 -16.61
CA GLN B 389 6.81 41.95 -15.91
C GLN B 389 5.48 41.63 -15.25
N LYS B 390 5.12 42.40 -14.25
CA LYS B 390 3.84 42.18 -13.54
C LYS B 390 2.67 42.27 -14.51
N GLY B 391 1.77 41.30 -14.43
CA GLY B 391 0.61 41.28 -15.32
C GLY B 391 0.82 40.54 -16.62
N GLU B 392 2.05 40.17 -16.92
CA GLU B 392 2.40 39.47 -18.16
C GLU B 392 1.95 38.02 -18.01
N ALA B 393 1.41 37.45 -19.11
CA ALA B 393 0.94 36.06 -19.15
C ALA B 393 2.09 35.05 -19.21
N LEU B 394 2.12 34.14 -18.23
CA LEU B 394 3.14 33.10 -18.18
C LEU B 394 2.65 31.85 -18.91
N ALA B 395 1.33 31.68 -18.97
CA ALA B 395 0.71 30.52 -19.62
C ALA B 395 -0.75 30.79 -19.99
N THR B 396 -1.33 29.85 -20.72
CA THR B 396 -2.73 29.92 -21.14
C THR B 396 -3.37 28.55 -20.94
N ILE B 397 -4.45 28.52 -20.15
CA ILE B 397 -5.20 27.31 -19.85
C ILE B 397 -6.29 27.04 -20.87
N HIS B 398 -6.40 25.77 -21.27
CA HIS B 398 -7.41 25.31 -22.21
C HIS B 398 -8.28 24.33 -21.40
N SER B 399 -9.52 24.73 -21.12
CA SER B 399 -10.43 23.90 -20.31
C SER B 399 -11.78 23.60 -20.92
N ASN B 400 -12.42 22.54 -20.41
CA ASN B 400 -13.76 22.17 -20.87
C ASN B 400 -14.81 22.62 -19.83
N ARG B 401 -14.35 23.37 -18.86
CA ARG B 401 -15.12 23.97 -17.77
C ARG B 401 -14.62 25.38 -17.47
N PRO B 402 -15.49 26.33 -17.15
CA PRO B 402 -15.18 27.74 -16.87
C PRO B 402 -14.37 27.98 -15.60
N ASP B 403 -14.69 27.21 -14.56
CA ASP B 403 -14.04 27.29 -13.26
C ASP B 403 -12.74 26.48 -13.22
N VAL B 404 -11.62 27.18 -13.09
CA VAL B 404 -10.31 26.53 -13.08
C VAL B 404 -9.34 27.22 -12.13
N LEU B 405 -9.84 27.79 -11.05
CA LEU B 405 -8.99 28.51 -10.09
C LEU B 405 -8.01 27.53 -9.43
N ASP B 406 -8.38 26.25 -9.33
CA ASP B 406 -7.52 25.23 -8.74
C ASP B 406 -6.27 25.03 -9.59
N VAL B 407 -6.47 24.90 -10.90
CA VAL B 407 -5.40 24.73 -11.88
C VAL B 407 -4.58 26.00 -12.02
N LYS B 408 -5.26 27.14 -12.09
CA LYS B 408 -4.62 28.43 -12.23
C LYS B 408 -3.68 28.77 -11.06
N GLU B 409 -3.94 28.21 -9.89
CA GLU B 409 -3.12 28.51 -8.70
C GLU B 409 -1.96 27.54 -8.64
N LYS B 410 -2.13 26.30 -9.09
CA LYS B 410 -1.08 25.29 -9.05
C LYS B 410 0.06 25.67 -10.02
N ILE B 411 -0.31 26.12 -11.21
CA ILE B 411 0.63 26.55 -12.25
C ILE B 411 1.41 27.77 -11.78
N GLU B 412 0.70 28.75 -11.24
CA GLU B 412 1.29 29.99 -10.73
C GLU B 412 2.28 29.70 -9.61
N ALA B 413 1.98 28.71 -8.79
CA ALA B 413 2.84 28.32 -7.67
C ALA B 413 4.10 27.59 -8.14
N ALA B 414 3.96 26.87 -9.25
CA ALA B 414 5.06 26.09 -9.82
C ALA B 414 6.14 26.95 -10.47
N ILE B 415 5.75 28.10 -11.02
CA ILE B 415 6.68 28.99 -11.70
C ILE B 415 7.27 30.06 -10.76
N ARG B 416 8.49 29.86 -10.31
CA ARG B 416 9.16 30.81 -9.42
C ARG B 416 9.85 31.93 -10.20
N LEU B 417 9.92 33.12 -9.61
CA LEU B 417 10.54 34.28 -10.22
C LEU B 417 11.68 34.81 -9.34
N SER B 418 12.58 35.58 -9.94
CA SER B 418 13.73 36.13 -9.23
C SER B 418 14.12 37.53 -9.70
N PRO B 419 14.81 38.30 -8.84
CA PRO B 419 15.25 39.66 -9.18
C PRO B 419 16.44 39.66 -10.15
N GLN B 420 17.40 38.76 -9.93
CA GLN B 420 18.59 38.65 -10.77
C GLN B 420 18.41 37.68 -11.95
N PRO B 421 19.19 37.88 -13.03
CA PRO B 421 19.12 37.04 -14.23
C PRO B 421 19.48 35.59 -13.92
N VAL B 422 18.96 34.66 -14.72
CA VAL B 422 19.22 33.25 -14.52
C VAL B 422 19.55 32.55 -15.84
N ALA B 423 20.52 31.64 -15.81
CA ALA B 423 20.95 30.92 -17.00
C ALA B 423 20.01 29.79 -17.42
N ARG B 424 19.88 29.60 -18.73
CA ARG B 424 19.04 28.55 -19.32
C ARG B 424 19.72 27.19 -19.08
N PRO B 425 18.98 26.22 -18.53
CA PRO B 425 19.54 24.88 -18.26
C PRO B 425 19.88 24.13 -19.55
N PRO B 426 20.95 23.32 -19.53
CA PRO B 426 21.42 22.52 -20.68
C PRO B 426 20.46 21.42 -21.10
N LEU B 427 20.17 21.32 -22.40
CA LEU B 427 19.27 20.30 -22.93
C LEU B 427 19.79 18.85 -22.81
N ILE B 428 21.08 18.64 -23.04
CA ILE B 428 21.68 17.30 -22.96
C ILE B 428 22.76 17.23 -21.88
N TYR B 429 22.72 16.18 -21.07
CA TYR B 429 23.68 16.01 -19.99
C TYR B 429 24.76 14.97 -20.26
N GLU B 430 24.34 13.76 -20.65
CA GLU B 430 25.26 12.67 -20.92
C GLU B 430 24.77 11.73 -22.01
N THR B 431 25.61 10.76 -22.33
CA THR B 431 25.31 9.74 -23.32
C THR B 431 25.87 8.43 -22.80
N ILE B 432 25.01 7.42 -22.72
CA ILE B 432 25.39 6.09 -22.23
C ILE B 432 25.29 5.15 -23.43
N VAL B 433 26.36 4.43 -23.72
CA VAL B 433 26.36 3.51 -24.85
C VAL B 433 26.60 2.07 -24.43
P PO4 C . -9.79 -8.96 24.50
O1 PO4 C . -8.73 -9.38 23.40
O2 PO4 C . -11.11 -8.54 23.75
O3 PO4 C . -9.24 -7.75 25.34
O4 PO4 C . -10.07 -10.17 25.45
CA CA D . -2.86 -18.32 29.57
O1 MES E . 9.24 -1.02 8.29
C2 MES E . 8.79 0.15 7.56
C3 MES E . 8.56 1.15 8.46
N4 MES E . 7.54 0.76 9.38
C5 MES E . 7.98 -0.35 10.11
C6 MES E . 8.25 -1.41 9.27
C7 MES E . 7.29 1.78 10.30
C8 MES E . 6.85 3.00 9.78
S MES E . 6.30 4.05 10.57
O1S MES E . 7.17 4.29 12.12
O2S MES E . 6.42 5.62 9.70
O3S MES E . 4.56 3.85 11.00
P PO4 F . 7.50 7.79 -26.03
O1 PO4 F . 6.73 6.44 -26.34
O2 PO4 F . 7.04 8.88 -27.04
O3 PO4 F . 9.06 7.58 -26.16
O4 PO4 F . 7.19 8.26 -24.54
CA CA G . 5.88 20.15 -25.49
N1 URA H . 7.30 4.96 -20.09
C2 URA H . 7.03 3.62 -19.75
O2 URA H . 6.64 2.79 -20.59
N3 URA H . 7.25 3.28 -18.41
C4 URA H . 7.69 4.14 -17.41
O4 URA H . 7.84 3.75 -16.27
C5 URA H . 7.94 5.52 -17.86
C6 URA H . 7.74 5.88 -19.15
O1 MES I . 12.02 -20.66 -18.04
C2 MES I . 11.35 -20.10 -19.20
C3 MES I . 10.24 -19.41 -18.74
N4 MES I . 9.35 -20.29 -18.06
C5 MES I . 10.00 -20.83 -16.94
C6 MES I . 11.13 -21.54 -17.31
C7 MES I . 8.21 -19.59 -17.60
C8 MES I . 7.42 -18.99 -18.56
S MES I . 6.40 -18.00 -18.30
O1S MES I . 5.04 -18.64 -17.33
O2S MES I . 7.08 -16.65 -17.33
O3S MES I . 5.68 -17.22 -19.74
#